data_3D3A
#
_entry.id   3D3A
#
_cell.length_a   117.017
_cell.length_b   117.017
_cell.length_c   59.711
_cell.angle_alpha   90.00
_cell.angle_beta   90.00
_cell.angle_gamma   90.00
#
_symmetry.space_group_name_H-M   'P 43'
#
loop_
_entity.id
_entity.type
_entity.pdbx_description
1 polymer Beta-galactosidase
2 water water
#
_entity_poly.entity_id   1
_entity_poly.type   'polypeptide(L)'
_entity_poly.pdbx_seq_one_letter_code
;(MSE)SLSEGTFEVGKNTFLLNGEPFVVKAAEIHYPRIPKEYWEHRIK(MSE)CKALG(MSE)NTICLYVFWNFHEPEEG
RYDFAGQKDIAAFCRLAQENG(MSE)YVIVRPGPYVCAEWE(MSE)GGLPWWLLKKKDIKLREQDPYY(MSE)ERVKLFL
NEVGKQLADLQISKGGNII(MSE)VQVENEYGAFGIDKPYISEIRD(MSE)VKQAGFTGVPLFQCDWNSNFENNALDDLL
WTINFGTGANIDEQFKRLKELRPDTPL(MSE)CSEFWSGWFDHWGAKHETRSAEELVKG(MSE)KE(MSE)LDRNISFSL
Y(MSE)THGGTSFGHWGGANFPNFSPTCTSYDYDAPINESGKVTPKYLEVRNLLGNYLPEGETLPEIPDSIPTIAIPTIK
(MSE)TE(MSE)AVLFDNLPHPKESEDIRT(MSE)EAFDQGWGSILYRTSLSASDKEQTLLITEAHDWAQVFLNGKKLAT
LSRLKGEGVVKLPPLKEGDRLDILVEA(MSE)GR(MSE)NFGKGIYDWKGITEKVELQSDKGVELVKDWQVYTIPVDYSF
ARDKQYKQQENAENQPAYYRSTFNLNELGDTFLN(MSE)(MSE)NWSKG(MSE)VWVNGHAIGRYWEIGPQQTLYVPGCW
LKKGENEIIILD(MSE)AGPSKAETEGLRQPILDVQRGNGAYAHRK(MSE)GEGHHHHHH
;
_entity_poly.pdbx_strand_id   A
#
# COMPACT_ATOMS: atom_id res chain seq x y z
N SER A 2 9.13 34.75 15.76
CA SER A 2 9.21 33.42 15.10
C SER A 2 10.50 32.68 15.49
N LEU A 3 10.55 31.39 15.18
CA LEU A 3 11.71 30.56 15.48
C LEU A 3 12.87 30.89 14.56
N SER A 4 14.09 30.56 14.98
CA SER A 4 15.26 30.84 14.16
C SER A 4 15.30 29.98 12.92
N GLU A 5 16.05 30.43 11.91
CA GLU A 5 16.14 29.73 10.65
C GLU A 5 17.39 28.89 10.46
N GLY A 6 17.19 27.58 10.41
CA GLY A 6 18.29 26.65 10.19
C GLY A 6 18.40 26.46 8.68
N THR A 7 19.42 25.76 8.22
CA THR A 7 19.57 25.56 6.78
C THR A 7 20.10 24.20 6.41
N PHE A 8 19.77 23.79 5.19
CA PHE A 8 20.25 22.55 4.63
C PHE A 8 20.58 22.97 3.20
N GLU A 9 21.82 22.76 2.79
CA GLU A 9 22.22 23.18 1.46
C GLU A 9 22.95 22.11 0.66
N VAL A 10 22.88 22.26 -0.65
CA VAL A 10 23.57 21.37 -1.56
C VAL A 10 24.94 22.02 -1.76
N GLY A 11 25.95 21.48 -1.09
CA GLY A 11 27.28 22.03 -1.18
C GLY A 11 28.13 21.41 -2.29
N LYS A 12 29.44 21.59 -2.19
CA LYS A 12 30.36 21.05 -3.18
C LYS A 12 30.77 19.64 -2.75
N ASN A 13 30.18 18.65 -3.41
CA ASN A 13 30.47 17.25 -3.10
C ASN A 13 30.08 16.89 -1.68
N THR A 14 29.13 17.62 -1.12
CA THR A 14 28.66 17.36 0.25
C THR A 14 27.41 18.16 0.59
N PHE A 15 26.64 17.66 1.55
CA PHE A 15 25.45 18.35 2.01
C PHE A 15 25.90 19.17 3.22
N LEU A 16 25.24 20.29 3.46
CA LEU A 16 25.59 21.10 4.60
C LEU A 16 24.38 21.38 5.49
N LEU A 17 24.47 20.89 6.71
CA LEU A 17 23.41 21.09 7.70
C LEU A 17 23.90 22.22 8.59
N ASN A 18 23.27 23.39 8.47
CA ASN A 18 23.68 24.54 9.25
C ASN A 18 25.16 24.82 9.01
N GLY A 19 25.56 24.77 7.73
CA GLY A 19 26.94 25.04 7.36
C GLY A 19 27.96 23.93 7.53
N GLU A 20 27.58 22.82 8.15
CA GLU A 20 28.52 21.71 8.35
C GLU A 20 28.25 20.55 7.43
N PRO A 21 29.31 19.87 6.96
CA PRO A 21 29.08 18.73 6.07
C PRO A 21 28.22 17.71 6.82
N PHE A 22 27.28 17.10 6.11
CA PHE A 22 26.38 16.14 6.73
C PHE A 22 26.02 15.03 5.75
N VAL A 23 26.11 13.78 6.20
CA VAL A 23 25.75 12.65 5.33
C VAL A 23 24.38 12.18 5.78
N VAL A 24 23.44 12.15 4.85
CA VAL A 24 22.10 11.70 5.20
C VAL A 24 22.03 10.18 5.28
N LYS A 25 21.74 9.67 6.47
CA LYS A 25 21.60 8.24 6.69
C LYS A 25 20.13 8.11 7.07
N ALA A 26 19.28 7.99 6.05
CA ALA A 26 17.84 7.94 6.26
C ALA A 26 17.14 6.59 6.32
N ALA A 27 16.06 6.57 7.08
CA ALA A 27 15.23 5.39 7.24
C ALA A 27 13.92 5.69 6.51
N GLU A 28 13.50 4.80 5.62
CA GLU A 28 12.27 5.03 4.90
C GLU A 28 11.14 4.52 5.78
N ILE A 29 10.15 5.38 5.99
CA ILE A 29 9.01 5.07 6.83
C ILE A 29 7.70 5.49 6.16
N HIS A 30 6.65 4.72 6.40
CA HIS A 30 5.32 4.98 5.84
C HIS A 30 4.35 5.11 7.03
N TYR A 31 4.04 6.35 7.42
CA TYR A 31 3.16 6.60 8.55
C TYR A 31 1.79 5.90 8.51
N PRO A 32 1.23 5.64 7.31
CA PRO A 32 -0.07 4.95 7.24
C PRO A 32 0.06 3.47 7.61
N ARG A 33 1.27 2.95 7.47
CA ARG A 33 1.51 1.53 7.77
C ARG A 33 1.96 1.26 9.20
N ILE A 34 1.83 2.27 10.06
CA ILE A 34 2.20 2.13 11.46
C ILE A 34 1.13 2.76 12.32
N PRO A 35 0.59 2.02 13.31
CA PRO A 35 -0.46 2.59 14.18
C PRO A 35 0.08 3.91 14.72
N LYS A 36 -0.72 4.96 14.69
CA LYS A 36 -0.27 6.26 15.17
C LYS A 36 0.28 6.18 16.58
N GLU A 37 -0.19 5.20 17.35
CA GLU A 37 0.26 5.01 18.73
C GLU A 37 1.67 4.43 18.79
N TYR A 38 2.15 3.87 17.68
CA TYR A 38 3.50 3.31 17.66
C TYR A 38 4.50 4.16 16.91
N TRP A 39 4.04 5.28 16.36
CA TRP A 39 4.94 6.17 15.62
C TRP A 39 6.20 6.50 16.42
N GLU A 40 6.00 6.90 17.67
CA GLU A 40 7.12 7.25 18.54
C GLU A 40 8.08 6.06 18.67
N HIS A 41 7.55 4.92 19.07
CA HIS A 41 8.37 3.73 19.24
C HIS A 41 9.19 3.42 17.99
N ARG A 42 8.54 3.43 16.83
CA ARG A 42 9.23 3.13 15.59
C ARG A 42 10.28 4.21 15.28
N ILE A 43 10.01 5.44 15.66
CA ILE A 43 10.98 6.50 15.41
C ILE A 43 12.22 6.24 16.26
N LYS A 44 12.01 5.83 17.51
CA LYS A 44 13.14 5.54 18.38
C LYS A 44 13.94 4.34 17.89
N MSE A 45 13.27 3.35 17.30
CA MSE A 45 13.97 2.19 16.76
C MSE A 45 14.90 2.62 15.63
O MSE A 45 16.00 2.09 15.49
CB MSE A 45 12.97 1.16 16.23
CG MSE A 45 12.19 0.40 17.30
SE MSE A 45 13.30 -0.82 18.33
CE MSE A 45 13.70 -2.10 16.93
N CYS A 46 14.45 3.57 14.83
CA CYS A 46 15.24 4.07 13.72
C CYS A 46 16.44 4.83 14.24
N LYS A 47 16.25 5.54 15.35
CA LYS A 47 17.29 6.33 15.96
C LYS A 47 18.39 5.45 16.57
N ALA A 48 17.98 4.42 17.30
CA ALA A 48 18.94 3.51 17.93
C ALA A 48 19.66 2.70 16.86
N LEU A 49 19.06 2.63 15.68
CA LEU A 49 19.64 1.88 14.58
C LEU A 49 20.85 2.61 14.01
N GLY A 50 20.89 3.93 14.21
CA GLY A 50 22.00 4.71 13.71
C GLY A 50 21.61 5.63 12.56
N MSE A 51 20.31 5.78 12.33
CA MSE A 51 19.82 6.64 11.26
C MSE A 51 19.72 8.06 11.83
O MSE A 51 19.50 8.24 13.02
CB MSE A 51 18.44 6.17 10.79
CG MSE A 51 18.44 4.75 10.20
SE MSE A 51 19.50 4.63 8.59
CE MSE A 51 18.99 2.84 8.03
N ASN A 52 19.89 9.06 10.96
CA ASN A 52 19.82 10.45 11.39
C ASN A 52 18.68 11.16 10.69
N THR A 53 18.03 10.47 9.76
CA THR A 53 16.94 11.06 9.00
C THR A 53 15.86 10.05 8.63
N ILE A 54 14.64 10.53 8.51
CA ILE A 54 13.50 9.70 8.11
C ILE A 54 12.90 10.27 6.83
N CYS A 55 12.65 9.41 5.84
CA CYS A 55 12.07 9.84 4.57
C CYS A 55 10.60 9.49 4.55
N LEU A 56 9.76 10.50 4.32
CA LEU A 56 8.32 10.32 4.32
C LEU A 56 7.57 10.62 3.03
N TYR A 57 6.99 9.57 2.46
CA TYR A 57 6.16 9.74 1.27
C TYR A 57 4.85 10.26 1.86
N VAL A 58 4.10 11.05 1.10
CA VAL A 58 2.82 11.53 1.56
C VAL A 58 1.82 10.85 0.63
N PHE A 59 0.90 10.07 1.21
CA PHE A 59 -0.07 9.33 0.41
C PHE A 59 -1.34 10.12 0.17
N TRP A 60 -1.46 10.68 -1.03
CA TRP A 60 -2.59 11.49 -1.41
C TRP A 60 -3.96 10.87 -1.14
N ASN A 61 -4.25 9.69 -1.69
CA ASN A 61 -5.55 9.08 -1.47
C ASN A 61 -5.90 8.79 -0.01
N PHE A 62 -4.88 8.69 0.83
CA PHE A 62 -5.08 8.42 2.26
C PHE A 62 -5.69 9.67 2.90
N HIS A 63 -5.21 10.84 2.48
CA HIS A 63 -5.68 12.13 3.01
C HIS A 63 -6.92 12.68 2.30
N GLU A 64 -7.16 12.25 1.07
CA GLU A 64 -8.32 12.74 0.32
C GLU A 64 -9.00 11.57 -0.39
N PRO A 65 -9.63 10.68 0.38
CA PRO A 65 -10.35 9.49 -0.12
C PRO A 65 -11.58 9.84 -0.94
N GLU A 66 -12.06 11.06 -0.78
CA GLU A 66 -13.22 11.58 -1.52
C GLU A 66 -12.77 12.95 -1.97
N GLU A 67 -13.15 13.35 -3.18
CA GLU A 67 -12.74 14.66 -3.67
C GLU A 67 -13.16 15.76 -2.69
N GLY A 68 -12.22 16.62 -2.35
CA GLY A 68 -12.52 17.72 -1.44
C GLY A 68 -12.52 17.40 0.05
N ARG A 69 -12.56 16.13 0.42
CA ARG A 69 -12.57 15.78 1.84
C ARG A 69 -11.19 15.43 2.39
N TYR A 70 -10.41 16.46 2.68
CA TYR A 70 -9.07 16.30 3.21
C TYR A 70 -9.07 15.87 4.68
N ASP A 71 -8.15 14.97 5.02
CA ASP A 71 -8.06 14.49 6.39
C ASP A 71 -6.61 14.41 6.84
N PHE A 72 -6.31 15.07 7.96
CA PHE A 72 -4.96 15.09 8.52
C PHE A 72 -5.01 14.89 10.02
N ALA A 73 -6.03 14.17 10.48
CA ALA A 73 -6.22 13.89 11.90
C ALA A 73 -5.86 12.43 12.22
N GLY A 74 -5.47 12.21 13.48
CA GLY A 74 -5.12 10.86 13.93
C GLY A 74 -4.01 10.22 13.13
N GLN A 75 -4.32 9.06 12.54
CA GLN A 75 -3.37 8.32 11.73
C GLN A 75 -2.92 9.10 10.50
N LYS A 76 -3.69 10.13 10.14
CA LYS A 76 -3.40 10.93 8.96
C LYS A 76 -2.71 12.26 9.32
N ASP A 77 -2.31 12.39 10.58
CA ASP A 77 -1.67 13.61 11.07
C ASP A 77 -0.17 13.57 10.83
N ILE A 78 0.22 13.74 9.56
CA ILE A 78 1.64 13.68 9.20
C ILE A 78 2.46 14.73 9.93
N ALA A 79 1.84 15.84 10.29
CA ALA A 79 2.55 16.90 11.03
C ALA A 79 2.96 16.36 12.41
N ALA A 80 2.04 15.66 13.06
CA ALA A 80 2.30 15.08 14.37
C ALA A 80 3.49 14.14 14.28
N PHE A 81 3.53 13.32 13.23
CA PHE A 81 4.62 12.38 13.03
C PHE A 81 5.94 13.14 12.90
N CYS A 82 5.93 14.19 12.08
CA CYS A 82 7.14 14.99 11.88
C CYS A 82 7.58 15.63 13.20
N ARG A 83 6.62 16.11 13.98
CA ARG A 83 6.95 16.70 15.27
C ARG A 83 7.60 15.63 16.15
N LEU A 84 6.99 14.45 16.19
CA LEU A 84 7.55 13.37 16.97
C LEU A 84 8.98 13.14 16.52
N ALA A 85 9.20 13.18 15.21
CA ALA A 85 10.53 12.98 14.66
C ALA A 85 11.48 14.06 15.17
N GLN A 86 11.00 15.31 15.19
CA GLN A 86 11.82 16.42 15.66
C GLN A 86 12.18 16.23 17.13
N GLU A 87 11.19 15.82 17.93
CA GLU A 87 11.39 15.61 19.35
C GLU A 87 12.42 14.54 19.67
N ASN A 88 12.80 13.77 18.66
CA ASN A 88 13.78 12.72 18.82
C ASN A 88 15.05 13.05 18.04
N GLY A 89 15.18 14.33 17.68
CA GLY A 89 16.35 14.78 16.95
C GLY A 89 16.57 14.13 15.60
N MSE A 90 15.49 13.78 14.92
CA MSE A 90 15.59 13.17 13.60
C MSE A 90 15.12 14.14 12.54
O MSE A 90 14.07 14.76 12.70
CB MSE A 90 14.72 11.91 13.54
CG MSE A 90 15.09 10.82 14.52
SE MSE A 90 16.79 10.05 14.08
CE MSE A 90 16.19 8.65 12.87
N TYR A 91 15.89 14.27 11.46
CA TYR A 91 15.48 15.14 10.37
C TYR A 91 14.56 14.36 9.43
N VAL A 92 13.81 15.09 8.63
CA VAL A 92 12.85 14.51 7.70
C VAL A 92 12.99 15.02 6.28
N ILE A 93 12.82 14.10 5.34
CA ILE A 93 12.84 14.42 3.92
C ILE A 93 11.43 14.05 3.46
N VAL A 94 10.75 14.97 2.80
CA VAL A 94 9.39 14.74 2.36
C VAL A 94 9.25 14.47 0.87
N ARG A 95 8.46 13.45 0.53
CA ARG A 95 8.17 13.09 -0.87
C ARG A 95 6.64 13.24 -0.90
N PRO A 96 6.16 14.47 -1.15
CA PRO A 96 4.74 14.85 -1.23
C PRO A 96 3.89 14.32 -2.37
N GLY A 97 4.34 13.28 -3.05
CA GLY A 97 3.56 12.78 -4.17
C GLY A 97 3.67 13.73 -5.35
N PRO A 98 2.58 13.91 -6.14
CA PRO A 98 1.26 13.27 -5.97
C PRO A 98 1.30 11.75 -6.10
N TYR A 99 2.27 11.24 -6.83
CA TYR A 99 2.41 9.79 -7.03
C TYR A 99 3.56 9.28 -6.16
N VAL A 100 3.35 8.18 -5.46
CA VAL A 100 4.40 7.64 -4.59
C VAL A 100 4.79 6.19 -4.87
N CYS A 101 3.97 5.47 -5.64
CA CYS A 101 4.21 4.06 -5.96
C CYS A 101 4.14 3.25 -4.67
N ALA A 102 5.29 2.96 -4.08
CA ALA A 102 5.40 2.25 -2.82
C ALA A 102 4.45 1.07 -2.56
N GLU A 103 4.17 0.28 -3.59
CA GLU A 103 3.29 -0.88 -3.41
C GLU A 103 2.01 -0.49 -2.69
N TRP A 104 1.54 0.73 -2.92
CA TRP A 104 0.33 1.25 -2.27
C TRP A 104 -0.80 1.49 -3.27
N GLU A 105 -2.04 1.36 -2.81
CA GLU A 105 -3.23 1.59 -3.64
C GLU A 105 -3.04 2.69 -4.70
N MSE A 106 -3.06 2.30 -5.97
CA MSE A 106 -2.92 3.21 -7.10
C MSE A 106 -1.72 4.15 -6.97
O MSE A 106 -1.75 5.29 -7.44
CB MSE A 106 -4.20 4.03 -7.29
CG MSE A 106 -4.39 4.58 -8.70
SE MSE A 106 -6.04 5.57 -8.96
CE MSE A 106 -7.07 4.82 -7.55
N GLY A 107 -0.66 3.68 -6.30
CA GLY A 107 0.52 4.50 -6.13
C GLY A 107 0.23 5.81 -5.41
N GLY A 108 -0.84 5.84 -4.60
CA GLY A 108 -1.18 7.03 -3.86
C GLY A 108 -2.22 7.93 -4.54
N LEU A 109 -2.40 7.78 -5.84
CA LEU A 109 -3.37 8.59 -6.57
C LEU A 109 -4.79 8.16 -6.22
N PRO A 110 -5.69 9.14 -6.01
CA PRO A 110 -7.08 8.84 -5.68
C PRO A 110 -7.94 8.27 -6.81
N TRP A 111 -8.70 7.24 -6.48
CA TRP A 111 -9.57 6.56 -7.44
C TRP A 111 -10.57 7.48 -8.13
N TRP A 112 -11.05 8.48 -7.41
CA TRP A 112 -12.05 9.37 -8.00
C TRP A 112 -11.54 10.16 -9.21
N LEU A 113 -10.25 10.11 -9.47
CA LEU A 113 -9.72 10.81 -10.65
C LEU A 113 -10.20 10.02 -11.85
N LEU A 114 -10.33 8.71 -11.68
CA LEU A 114 -10.76 7.83 -12.76
C LEU A 114 -12.22 8.04 -13.19
N LYS A 115 -12.93 8.88 -12.45
CA LYS A 115 -14.33 9.16 -12.79
C LYS A 115 -14.35 9.91 -14.11
N LYS A 116 -13.22 10.53 -14.43
CA LYS A 116 -13.10 11.25 -15.70
C LYS A 116 -12.51 10.21 -16.66
N LYS A 117 -13.40 9.57 -17.41
CA LYS A 117 -13.03 8.52 -18.38
C LYS A 117 -11.72 8.74 -19.11
N ASP A 118 -11.56 9.92 -19.69
CA ASP A 118 -10.37 10.26 -20.47
C ASP A 118 -9.28 10.99 -19.69
N ILE A 119 -9.34 10.92 -18.37
CA ILE A 119 -8.32 11.58 -17.55
C ILE A 119 -6.95 11.07 -17.98
N LYS A 120 -5.96 11.95 -17.99
CA LYS A 120 -4.60 11.54 -18.30
C LYS A 120 -3.84 11.76 -17.00
N LEU A 121 -3.23 10.69 -16.47
CA LEU A 121 -2.51 10.78 -15.21
C LEU A 121 -1.03 11.10 -15.36
N ARG A 122 -0.50 11.80 -14.36
CA ARG A 122 0.90 12.19 -14.34
C ARG A 122 1.35 13.00 -15.55
N GLU A 123 0.53 13.99 -15.89
CA GLU A 123 0.81 14.92 -16.97
C GLU A 123 -0.12 16.11 -16.78
N GLN A 124 0.03 17.12 -17.63
CA GLN A 124 -0.75 18.33 -17.48
C GLN A 124 -2.23 18.31 -17.86
N ASP A 125 -2.92 17.26 -17.44
CA ASP A 125 -4.35 17.16 -17.66
C ASP A 125 -4.95 18.21 -16.71
N PRO A 126 -5.71 19.17 -17.26
CA PRO A 126 -6.31 20.22 -16.43
C PRO A 126 -6.96 19.79 -15.12
N TYR A 127 -7.80 18.76 -15.15
CA TYR A 127 -8.47 18.32 -13.94
C TYR A 127 -7.48 17.69 -12.95
N TYR A 128 -6.59 16.84 -13.47
CA TYR A 128 -5.58 16.21 -12.64
C TYR A 128 -4.71 17.26 -11.94
N MSE A 129 -4.12 18.16 -12.74
CA MSE A 129 -3.25 19.21 -12.21
C MSE A 129 -3.93 20.08 -11.17
O MSE A 129 -3.31 20.51 -10.20
CB MSE A 129 -2.75 20.11 -13.35
CG MSE A 129 -1.85 19.41 -14.34
SE MSE A 129 -0.35 18.57 -13.46
CE MSE A 129 0.81 20.10 -13.25
N GLU A 130 -5.22 20.34 -11.38
CA GLU A 130 -5.97 21.16 -10.45
C GLU A 130 -6.10 20.49 -9.08
N ARG A 131 -6.36 19.18 -9.08
CA ARG A 131 -6.50 18.45 -7.83
C ARG A 131 -5.16 18.29 -7.15
N VAL A 132 -4.10 18.16 -7.95
CA VAL A 132 -2.75 18.02 -7.42
C VAL A 132 -2.35 19.30 -6.69
N LYS A 133 -2.66 20.44 -7.29
CA LYS A 133 -2.33 21.72 -6.70
C LYS A 133 -3.06 21.88 -5.38
N LEU A 134 -4.35 21.54 -5.36
CA LEU A 134 -5.12 21.65 -4.13
C LEU A 134 -4.59 20.72 -3.03
N PHE A 135 -4.21 19.51 -3.43
CA PHE A 135 -3.68 18.57 -2.45
C PHE A 135 -2.35 19.07 -1.90
N LEU A 136 -1.47 19.49 -2.79
CA LEU A 136 -0.17 20.01 -2.37
C LEU A 136 -0.34 21.20 -1.43
N ASN A 137 -1.25 22.11 -1.76
CA ASN A 137 -1.46 23.27 -0.90
C ASN A 137 -1.85 22.84 0.50
N GLU A 138 -2.62 21.76 0.62
CA GLU A 138 -3.03 21.27 1.93
C GLU A 138 -1.83 20.69 2.68
N VAL A 139 -0.96 19.99 1.94
CA VAL A 139 0.23 19.41 2.53
C VAL A 139 1.12 20.56 3.02
N GLY A 140 1.17 21.62 2.23
CA GLY A 140 1.97 22.78 2.60
C GLY A 140 1.47 23.40 3.90
N LYS A 141 0.15 23.52 4.04
CA LYS A 141 -0.40 24.10 5.26
C LYS A 141 -0.03 23.24 6.46
N GLN A 142 0.16 21.94 6.21
CA GLN A 142 0.51 21.02 7.27
C GLN A 142 1.99 20.94 7.61
N LEU A 143 2.86 21.05 6.61
CA LEU A 143 4.30 20.90 6.85
C LEU A 143 5.28 22.02 6.55
N ALA A 144 4.84 23.04 5.82
CA ALA A 144 5.74 24.14 5.47
C ALA A 144 6.40 24.79 6.69
N ASP A 145 5.63 25.00 7.74
CA ASP A 145 6.19 25.60 8.94
C ASP A 145 7.11 24.66 9.70
N LEU A 146 7.36 23.48 9.15
CA LEU A 146 8.25 22.52 9.78
C LEU A 146 9.57 22.38 9.01
N GLN A 147 9.74 23.22 7.99
CA GLN A 147 10.98 23.23 7.21
C GLN A 147 12.09 23.59 8.21
N ILE A 148 13.32 23.14 7.94
CA ILE A 148 14.40 23.47 8.85
C ILE A 148 14.60 24.98 8.89
N SER A 149 14.29 25.63 7.77
CA SER A 149 14.42 27.08 7.66
C SER A 149 13.40 27.81 8.53
N LYS A 150 12.57 27.07 9.25
CA LYS A 150 11.59 27.68 10.14
C LYS A 150 11.61 27.06 11.52
N GLY A 151 12.77 26.53 11.89
CA GLY A 151 12.93 25.90 13.19
C GLY A 151 12.46 24.46 13.23
N GLY A 152 12.05 23.94 12.07
CA GLY A 152 11.58 22.55 12.01
C GLY A 152 12.66 21.54 11.66
N ASN A 153 12.26 20.33 11.30
CA ASN A 153 13.22 19.28 10.97
C ASN A 153 13.25 18.82 9.51
N ILE A 154 12.42 19.42 8.65
CA ILE A 154 12.39 19.03 7.25
C ILE A 154 13.54 19.66 6.47
N ILE A 155 14.39 18.82 5.90
CA ILE A 155 15.56 19.29 5.16
C ILE A 155 15.49 19.29 3.62
N MSE A 156 14.58 18.50 3.05
CA MSE A 156 14.43 18.47 1.59
C MSE A 156 13.04 17.99 1.21
O MSE A 156 12.38 17.28 1.98
CB MSE A 156 15.46 17.55 0.92
CG MSE A 156 16.86 18.14 0.84
SE MSE A 156 17.99 17.24 -0.45
CE MSE A 156 18.05 15.49 0.38
N VAL A 157 12.58 18.40 0.03
CA VAL A 157 11.27 18.02 -0.47
C VAL A 157 11.43 17.53 -1.92
N GLN A 158 10.75 16.44 -2.25
CA GLN A 158 10.84 15.82 -3.57
C GLN A 158 9.84 16.36 -4.60
N VAL A 159 10.25 16.31 -5.87
CA VAL A 159 9.43 16.76 -7.00
C VAL A 159 9.05 15.52 -7.79
N GLU A 160 7.78 15.12 -7.72
CA GLU A 160 7.29 13.91 -8.40
C GLU A 160 8.05 12.70 -7.87
N ASN A 161 7.95 11.58 -8.58
CA ASN A 161 8.60 10.34 -8.14
C ASN A 161 8.96 9.41 -9.30
N GLU A 162 10.25 9.26 -9.55
CA GLU A 162 10.75 8.40 -10.61
C GLU A 162 10.00 8.55 -11.94
N TYR A 163 9.81 9.80 -12.37
CA TYR A 163 9.10 10.04 -13.61
C TYR A 163 9.79 9.41 -14.82
N GLY A 164 11.10 9.20 -14.71
CA GLY A 164 11.84 8.60 -15.81
C GLY A 164 11.34 7.22 -16.20
N ALA A 165 10.70 6.54 -15.25
CA ALA A 165 10.18 5.21 -15.49
C ALA A 165 8.72 5.28 -15.96
N PHE A 166 8.26 6.47 -16.26
CA PHE A 166 6.89 6.67 -16.71
C PHE A 166 6.86 7.32 -18.09
N GLY A 167 7.67 8.35 -18.27
CA GLY A 167 7.72 9.05 -19.55
C GLY A 167 8.74 10.17 -19.58
N ILE A 168 8.53 11.11 -20.50
CA ILE A 168 9.42 12.26 -20.64
C ILE A 168 8.55 13.50 -20.82
N ASP A 169 8.48 14.32 -19.79
CA ASP A 169 7.66 15.53 -19.83
C ASP A 169 8.18 16.57 -18.84
N LYS A 170 9.21 17.30 -19.24
CA LYS A 170 9.79 18.32 -18.38
C LYS A 170 8.83 19.45 -18.00
N PRO A 171 7.92 19.85 -18.91
CA PRO A 171 6.99 20.91 -18.55
C PRO A 171 6.13 20.51 -17.35
N TYR A 172 5.74 19.25 -17.32
CA TYR A 172 4.93 18.71 -16.23
C TYR A 172 5.72 18.76 -14.93
N ILE A 173 6.92 18.21 -14.95
CA ILE A 173 7.78 18.20 -13.78
C ILE A 173 8.01 19.62 -13.28
N SER A 174 8.18 20.54 -14.23
CA SER A 174 8.42 21.94 -13.91
C SER A 174 7.22 22.55 -13.19
N GLU A 175 6.02 22.20 -13.63
CA GLU A 175 4.82 22.73 -13.00
C GLU A 175 4.68 22.12 -11.62
N ILE A 176 4.99 20.83 -11.51
CA ILE A 176 4.89 20.15 -10.22
C ILE A 176 5.83 20.85 -9.24
N ARG A 177 7.02 21.17 -9.71
CA ARG A 177 8.02 21.85 -8.90
C ARG A 177 7.47 23.19 -8.45
N ASP A 178 6.86 23.92 -9.39
CA ASP A 178 6.29 25.22 -9.07
C ASP A 178 5.18 25.14 -8.03
N MSE A 179 4.38 24.08 -8.09
CA MSE A 179 3.29 23.92 -7.15
C MSE A 179 3.85 23.62 -5.76
O MSE A 179 3.30 24.08 -4.76
CB MSE A 179 2.36 22.79 -7.58
CG MSE A 179 1.75 23.01 -8.96
SE MSE A 179 0.51 21.61 -9.47
CE MSE A 179 -0.70 22.68 -10.56
N VAL A 180 4.94 22.87 -5.70
CA VAL A 180 5.57 22.54 -4.44
C VAL A 180 6.04 23.84 -3.81
N LYS A 181 6.68 24.68 -4.63
CA LYS A 181 7.17 25.97 -4.14
C LYS A 181 6.00 26.86 -3.73
N GLN A 182 4.97 26.90 -4.57
CA GLN A 182 3.81 27.72 -4.29
C GLN A 182 3.00 27.18 -3.11
N ALA A 183 3.22 25.92 -2.78
CA ALA A 183 2.53 25.28 -1.66
C ALA A 183 3.11 25.83 -0.36
N GLY A 184 4.37 26.26 -0.41
CA GLY A 184 5.01 26.82 0.76
C GLY A 184 6.41 26.29 1.04
N PHE A 185 6.83 25.29 0.29
CA PHE A 185 8.15 24.70 0.47
C PHE A 185 9.25 25.42 -0.29
N THR A 186 9.63 26.61 0.19
CA THR A 186 10.64 27.41 -0.48
C THR A 186 11.93 27.57 0.32
N GLY A 187 11.95 27.06 1.55
CA GLY A 187 13.13 27.22 2.38
C GLY A 187 14.16 26.11 2.35
N VAL A 188 13.84 25.02 1.66
CA VAL A 188 14.77 23.91 1.59
C VAL A 188 14.96 23.43 0.16
N PRO A 189 16.08 22.73 -0.10
CA PRO A 189 16.29 22.25 -1.47
C PRO A 189 15.24 21.26 -1.96
N LEU A 190 14.92 21.36 -3.25
CA LEU A 190 13.96 20.47 -3.88
C LEU A 190 14.82 19.52 -4.71
N PHE A 191 14.43 18.26 -4.78
CA PHE A 191 15.21 17.29 -5.53
C PHE A 191 14.39 16.31 -6.34
N GLN A 192 15.05 15.68 -7.30
CA GLN A 192 14.43 14.69 -8.17
C GLN A 192 15.13 13.37 -7.92
N CYS A 193 14.43 12.27 -8.19
CA CYS A 193 15.01 10.95 -8.03
C CYS A 193 14.61 10.08 -9.22
N ASP A 194 15.57 9.35 -9.77
CA ASP A 194 15.32 8.48 -10.92
C ASP A 194 16.37 7.41 -10.98
N TRP A 195 16.41 6.67 -12.08
CA TRP A 195 17.37 5.60 -12.26
C TRP A 195 18.59 6.05 -13.06
N ASN A 196 19.72 5.40 -12.84
CA ASN A 196 20.95 5.75 -13.57
C ASN A 196 20.71 5.74 -15.07
N SER A 197 19.78 4.90 -15.50
CA SER A 197 19.47 4.77 -16.92
C SER A 197 18.40 5.69 -17.49
N ASN A 198 17.85 6.60 -16.69
CA ASN A 198 16.81 7.48 -17.20
C ASN A 198 16.71 8.86 -16.53
N PHE A 199 17.55 9.11 -15.53
CA PHE A 199 17.48 10.38 -14.81
C PHE A 199 17.69 11.61 -15.68
N GLU A 200 18.39 11.46 -16.81
CA GLU A 200 18.64 12.60 -17.69
C GLU A 200 17.43 13.03 -18.47
N ASN A 201 16.46 12.13 -18.62
CA ASN A 201 15.26 12.43 -19.39
C ASN A 201 14.38 13.55 -18.85
N ASN A 202 14.31 13.71 -17.53
CA ASN A 202 13.47 14.76 -16.96
C ASN A 202 14.22 15.67 -15.99
N ALA A 203 15.52 15.47 -15.88
CA ALA A 203 16.36 16.25 -14.98
C ALA A 203 16.29 17.76 -15.23
N LEU A 204 15.89 18.51 -14.21
CA LEU A 204 15.84 19.96 -14.32
C LEU A 204 17.14 20.52 -13.73
N ASP A 205 17.70 21.54 -14.39
CA ASP A 205 18.96 22.16 -13.95
C ASP A 205 18.92 22.81 -12.58
N ASP A 206 17.79 23.40 -12.22
CA ASP A 206 17.70 24.06 -10.92
C ASP A 206 17.39 23.13 -9.76
N LEU A 207 17.45 21.82 -10.00
CA LEU A 207 17.15 20.85 -8.94
C LEU A 207 18.25 19.82 -8.74
N LEU A 208 18.30 19.29 -7.52
CA LEU A 208 19.25 18.25 -7.18
C LEU A 208 18.75 16.96 -7.83
N TRP A 209 19.68 16.17 -8.37
CA TRP A 209 19.31 14.90 -8.99
C TRP A 209 19.87 13.77 -8.12
N THR A 210 19.07 12.73 -7.90
CA THR A 210 19.49 11.59 -7.10
C THR A 210 19.12 10.28 -7.78
N ILE A 211 19.73 9.18 -7.33
CA ILE A 211 19.49 7.87 -7.93
C ILE A 211 18.94 6.83 -6.96
N ASN A 212 18.09 5.95 -7.49
CA ASN A 212 17.49 4.86 -6.72
C ASN A 212 17.98 3.54 -7.32
N PHE A 213 18.24 2.56 -6.48
CA PHE A 213 18.69 1.24 -6.93
C PHE A 213 18.65 0.28 -5.75
N GLY A 214 18.74 -1.01 -6.01
CA GLY A 214 18.67 -1.98 -4.93
C GLY A 214 19.92 -2.81 -4.67
N THR A 215 19.90 -3.54 -3.54
CA THR A 215 21.02 -4.39 -3.16
C THR A 215 21.57 -5.13 -4.37
N GLY A 216 22.89 -5.22 -4.45
CA GLY A 216 23.52 -5.91 -5.56
C GLY A 216 23.88 -4.99 -6.71
N ALA A 217 23.53 -3.71 -6.59
CA ALA A 217 23.85 -2.75 -7.64
C ALA A 217 25.32 -2.39 -7.56
N ASN A 218 25.83 -1.75 -8.61
CA ASN A 218 27.22 -1.33 -8.63
C ASN A 218 27.29 0.18 -8.43
N ILE A 219 27.66 0.58 -7.21
CA ILE A 219 27.76 1.97 -6.83
C ILE A 219 28.36 2.90 -7.89
N ASP A 220 29.56 2.53 -8.36
CA ASP A 220 30.25 3.33 -9.38
C ASP A 220 29.46 3.40 -10.67
N GLU A 221 28.89 2.27 -11.07
CA GLU A 221 28.11 2.22 -12.29
C GLU A 221 26.82 3.02 -12.14
N GLN A 222 26.36 3.16 -10.90
CA GLN A 222 25.14 3.91 -10.62
C GLN A 222 25.29 5.43 -10.65
N PHE A 223 26.42 5.94 -10.15
CA PHE A 223 26.65 7.38 -10.12
C PHE A 223 27.61 7.88 -11.19
N LYS A 224 28.25 6.96 -11.90
CA LYS A 224 29.23 7.31 -12.93
C LYS A 224 28.80 8.46 -13.84
N ARG A 225 27.61 8.36 -14.41
CA ARG A 225 27.11 9.39 -15.32
C ARG A 225 26.85 10.70 -14.59
N LEU A 226 26.21 10.61 -13.43
CA LEU A 226 25.87 11.79 -12.63
C LEU A 226 27.11 12.63 -12.29
N LYS A 227 28.19 11.97 -11.91
CA LYS A 227 29.42 12.68 -11.57
C LYS A 227 29.93 13.45 -12.79
N GLU A 228 29.76 12.86 -13.97
CA GLU A 228 30.18 13.50 -15.21
C GLU A 228 29.44 14.81 -15.40
N LEU A 229 28.12 14.73 -15.46
CA LEU A 229 27.28 15.91 -15.66
C LEU A 229 27.49 16.96 -14.55
N ARG A 230 27.61 16.50 -13.31
CA ARG A 230 27.81 17.37 -12.16
C ARG A 230 28.93 16.85 -11.29
N PRO A 231 30.15 17.34 -11.50
CA PRO A 231 31.30 16.89 -10.70
C PRO A 231 31.25 17.35 -9.24
N ASP A 232 30.58 18.47 -9.00
CA ASP A 232 30.51 19.01 -7.65
C ASP A 232 29.24 18.70 -6.87
N THR A 233 28.35 17.91 -7.45
CA THR A 233 27.11 17.61 -6.75
C THR A 233 27.28 16.49 -5.73
N PRO A 234 26.67 16.64 -4.55
CA PRO A 234 26.80 15.57 -3.58
C PRO A 234 26.04 14.38 -4.15
N LEU A 235 26.44 13.18 -3.78
CA LEU A 235 25.76 11.99 -4.29
C LEU A 235 24.83 11.41 -3.25
N MSE A 236 23.64 11.01 -3.69
CA MSE A 236 22.68 10.41 -2.79
C MSE A 236 21.82 9.36 -3.45
O MSE A 236 21.22 9.60 -4.50
CB MSE A 236 21.75 11.44 -2.15
CG MSE A 236 20.62 10.75 -1.39
SE MSE A 236 19.40 11.87 -0.43
CE MSE A 236 19.14 10.76 1.12
N CYS A 237 21.78 8.19 -2.83
CA CYS A 237 20.93 7.12 -3.30
C CYS A 237 19.63 7.44 -2.57
N SER A 238 18.74 8.15 -3.26
CA SER A 238 17.45 8.54 -2.68
C SER A 238 16.73 7.35 -2.03
N GLU A 239 16.76 6.21 -2.70
CA GLU A 239 16.11 5.01 -2.20
C GLU A 239 16.93 3.76 -2.49
N PHE A 240 17.47 3.16 -1.45
CA PHE A 240 18.25 1.94 -1.58
C PHE A 240 17.28 0.80 -1.26
N TRP A 241 16.75 0.17 -2.30
CA TRP A 241 15.79 -0.91 -2.13
C TRP A 241 16.43 -2.20 -1.63
N SER A 242 16.06 -2.60 -0.42
CA SER A 242 16.58 -3.82 0.17
C SER A 242 15.49 -4.54 0.95
N GLY A 243 15.38 -5.85 0.72
CA GLY A 243 14.37 -6.62 1.42
C GLY A 243 13.46 -7.29 0.43
N TRP A 244 12.29 -7.73 0.90
CA TRP A 244 11.35 -8.41 0.03
C TRP A 244 9.92 -8.33 0.55
N PHE A 245 9.01 -7.85 -0.30
CA PHE A 245 7.60 -7.78 0.09
C PHE A 245 6.86 -8.88 -0.66
N ASP A 246 5.94 -9.54 0.03
CA ASP A 246 5.19 -10.65 -0.55
C ASP A 246 3.98 -10.25 -1.38
N HIS A 247 3.51 -11.21 -2.18
CA HIS A 247 2.32 -11.06 -3.01
C HIS A 247 1.48 -12.28 -2.73
N TRP A 248 0.16 -12.12 -2.77
CA TRP A 248 -0.71 -13.26 -2.52
C TRP A 248 -0.45 -14.29 -3.61
N GLY A 249 -0.33 -15.55 -3.20
CA GLY A 249 -0.10 -16.64 -4.14
C GLY A 249 1.33 -16.86 -4.58
N ALA A 250 2.27 -16.11 -4.01
CA ALA A 250 3.69 -16.24 -4.38
C ALA A 250 4.54 -16.59 -3.16
N LYS A 251 5.51 -17.46 -3.36
CA LYS A 251 6.36 -17.91 -2.26
C LYS A 251 7.04 -16.78 -1.51
N HIS A 252 6.98 -16.87 -0.19
CA HIS A 252 7.60 -15.89 0.69
C HIS A 252 9.11 -15.98 0.54
N GLU A 253 9.79 -14.84 0.64
CA GLU A 253 11.24 -14.80 0.53
C GLU A 253 11.86 -13.78 1.48
N THR A 254 13.17 -13.90 1.67
CA THR A 254 13.92 -12.99 2.52
C THR A 254 15.25 -12.69 1.84
N ARG A 255 15.89 -11.61 2.26
CA ARG A 255 17.18 -11.21 1.70
C ARG A 255 18.20 -11.18 2.83
N SER A 256 19.41 -11.65 2.53
CA SER A 256 20.47 -11.72 3.53
C SER A 256 21.00 -10.39 4.04
N ALA A 257 21.26 -10.35 5.34
CA ALA A 257 21.79 -9.16 5.99
C ALA A 257 23.15 -8.83 5.41
N GLU A 258 23.88 -9.86 4.99
CA GLU A 258 25.21 -9.70 4.41
C GLU A 258 25.25 -8.69 3.29
N GLU A 259 24.59 -9.02 2.19
CA GLU A 259 24.54 -8.17 1.02
C GLU A 259 24.14 -6.73 1.36
N LEU A 260 23.24 -6.60 2.32
CA LEU A 260 22.77 -5.27 2.73
C LEU A 260 23.90 -4.49 3.38
N VAL A 261 24.43 -5.03 4.48
CA VAL A 261 25.50 -4.39 5.22
C VAL A 261 26.63 -3.97 4.30
N LYS A 262 26.94 -4.82 3.33
CA LYS A 262 28.00 -4.53 2.38
C LYS A 262 27.63 -3.33 1.53
N GLY A 263 26.42 -3.36 0.96
CA GLY A 263 25.98 -2.25 0.13
C GLY A 263 25.99 -0.95 0.91
N MSE A 264 25.52 -0.99 2.15
CA MSE A 264 25.47 0.21 2.98
C MSE A 264 26.85 0.71 3.35
O MSE A 264 27.04 1.92 3.58
CB MSE A 264 24.68 -0.07 4.26
CG MSE A 264 23.20 -0.25 4.03
SE MSE A 264 22.27 -0.49 5.68
CE MSE A 264 22.83 1.14 6.57
N LYS A 265 27.82 -0.19 3.42
CA LYS A 265 29.17 0.20 3.78
C LYS A 265 29.88 0.88 2.63
N GLU A 266 29.64 0.41 1.41
CA GLU A 266 30.27 0.99 0.23
C GLU A 266 29.88 2.46 0.11
N MSE A 267 28.60 2.75 0.35
CA MSE A 267 28.13 4.13 0.26
C MSE A 267 28.67 4.93 1.44
O MSE A 267 29.10 6.06 1.28
CB MSE A 267 26.60 4.17 0.24
CG MSE A 267 26.00 3.49 -0.97
SE MSE A 267 24.10 3.84 -1.16
CE MSE A 267 23.45 2.76 0.32
N LEU A 268 28.61 4.33 2.63
CA LEU A 268 29.12 5.01 3.82
C LEU A 268 30.59 5.35 3.64
N ASP A 269 31.36 4.40 3.12
CA ASP A 269 32.79 4.60 2.90
C ASP A 269 33.12 5.64 1.84
N ARG A 270 32.09 6.17 1.18
CA ARG A 270 32.31 7.18 0.16
C ARG A 270 31.51 8.41 0.56
N ASN A 271 30.97 8.36 1.79
CA ASN A 271 30.18 9.45 2.31
C ASN A 271 28.97 9.74 1.42
N ILE A 272 28.46 8.68 0.80
CA ILE A 272 27.31 8.78 -0.09
C ILE A 272 26.03 8.68 0.75
N SER A 273 25.16 9.68 0.60
CA SER A 273 23.90 9.70 1.33
C SER A 273 22.93 8.63 0.83
N PHE A 274 22.07 8.17 1.72
CA PHE A 274 21.10 7.12 1.36
C PHE A 274 19.89 7.03 2.28
N SER A 275 18.90 6.30 1.81
CA SER A 275 17.68 6.03 2.56
C SER A 275 17.40 4.55 2.37
N LEU A 276 17.53 3.79 3.45
CA LEU A 276 17.30 2.35 3.39
C LEU A 276 15.82 2.12 3.06
N TYR A 277 15.53 1.77 1.81
CA TYR A 277 14.15 1.56 1.43
C TYR A 277 13.53 0.41 2.22
N MSE A 278 12.94 0.87 3.32
CA MSE A 278 12.24 0.09 4.30
C MSE A 278 13.14 -0.38 5.43
O MSE A 278 13.75 -1.46 5.42
CB MSE A 278 11.47 -1.05 3.63
CG MSE A 278 10.08 -0.65 3.00
SE MSE A 278 9.53 1.26 2.84
CE MSE A 278 11.02 1.98 2.09
N THR A 279 13.22 0.51 6.41
CA THR A 279 13.97 0.27 7.64
C THR A 279 12.94 -0.39 8.55
N HIS A 280 11.68 -0.05 8.28
CA HIS A 280 10.52 -0.61 8.95
C HIS A 280 9.38 -0.46 7.96
N GLY A 281 8.84 -1.59 7.53
CA GLY A 281 7.74 -1.55 6.58
C GLY A 281 6.39 -1.37 7.24
N GLY A 282 6.10 -2.17 8.25
CA GLY A 282 4.82 -2.06 8.92
C GLY A 282 3.76 -2.90 8.23
N THR A 283 2.54 -2.38 8.15
CA THR A 283 1.43 -3.13 7.56
C THR A 283 0.56 -2.31 6.60
N SER A 284 0.15 -2.93 5.50
CA SER A 284 -0.75 -2.23 4.58
C SER A 284 -2.15 -2.47 5.18
N PHE A 285 -2.48 -1.71 6.22
CA PHE A 285 -3.77 -1.89 6.87
C PHE A 285 -4.93 -1.67 5.91
N GLY A 286 -6.09 -2.20 6.29
CA GLY A 286 -7.28 -2.02 5.47
C GLY A 286 -7.20 -2.45 4.02
N HIS A 287 -7.59 -1.55 3.13
CA HIS A 287 -7.63 -1.79 1.68
C HIS A 287 -6.51 -1.05 0.95
N TRP A 288 -5.54 -0.55 1.68
CA TRP A 288 -4.50 0.25 1.08
C TRP A 288 -3.37 -0.40 0.30
N GLY A 289 -3.24 -1.72 0.39
CA GLY A 289 -2.17 -2.38 -0.34
C GLY A 289 -2.33 -2.22 -1.85
N GLY A 290 -1.21 -2.22 -2.56
CA GLY A 290 -1.26 -2.05 -4.00
C GLY A 290 -1.18 -3.36 -4.77
N ALA A 291 -0.73 -3.29 -6.02
CA ALA A 291 -0.62 -4.48 -6.85
C ALA A 291 0.38 -4.26 -7.98
N ASN A 292 0.98 -5.35 -8.43
CA ASN A 292 1.96 -5.29 -9.51
C ASN A 292 1.35 -5.09 -10.90
N PHE A 293 2.17 -4.52 -11.79
CA PHE A 293 1.80 -4.26 -13.18
C PHE A 293 3.01 -4.72 -14.00
N PRO A 294 2.80 -5.24 -15.23
CA PRO A 294 1.54 -5.44 -15.95
C PRO A 294 0.79 -6.70 -15.54
N ASN A 295 1.50 -7.66 -14.97
CA ASN A 295 0.84 -8.90 -14.54
C ASN A 295 0.24 -8.65 -13.15
N PHE A 296 -1.08 -8.47 -13.12
CA PHE A 296 -1.76 -8.20 -11.86
C PHE A 296 -1.39 -9.14 -10.74
N SER A 297 -0.81 -8.59 -9.69
CA SER A 297 -0.42 -9.39 -8.54
C SER A 297 -0.54 -8.53 -7.30
N PRO A 298 -1.57 -8.80 -6.47
CA PRO A 298 -1.79 -8.03 -5.24
C PRO A 298 -0.76 -8.32 -4.15
N THR A 299 -0.27 -7.25 -3.53
CA THR A 299 0.70 -7.40 -2.45
C THR A 299 -0.02 -7.93 -1.21
N CYS A 300 0.70 -8.62 -0.34
CA CYS A 300 0.08 -9.14 0.88
C CYS A 300 -0.18 -7.97 1.83
N THR A 301 -1.05 -8.17 2.81
CA THR A 301 -1.37 -7.13 3.77
C THR A 301 -0.09 -6.73 4.53
N SER A 302 0.63 -7.74 5.00
CA SER A 302 1.87 -7.51 5.72
C SER A 302 2.88 -6.77 4.84
N TYR A 303 3.50 -5.73 5.38
CA TYR A 303 4.54 -5.00 4.64
C TYR A 303 5.85 -5.12 5.42
N ASP A 304 6.05 -6.28 6.05
CA ASP A 304 7.26 -6.52 6.84
C ASP A 304 8.49 -6.16 6.02
N TYR A 305 8.47 -6.55 4.74
CA TYR A 305 9.56 -6.25 3.81
C TYR A 305 10.85 -6.95 4.17
N ASP A 306 10.85 -7.70 5.28
CA ASP A 306 12.06 -8.34 5.78
C ASP A 306 13.01 -7.21 6.12
N ALA A 307 12.45 -6.12 6.64
CA ALA A 307 13.25 -4.96 7.02
C ALA A 307 13.91 -5.18 8.36
N PRO A 308 14.93 -4.37 8.69
CA PRO A 308 15.67 -4.46 9.95
C PRO A 308 14.69 -4.47 11.13
N ILE A 309 13.68 -3.61 11.04
CA ILE A 309 12.65 -3.51 12.06
C ILE A 309 11.45 -4.26 11.49
N ASN A 310 11.12 -5.40 12.07
CA ASN A 310 10.01 -6.18 11.53
C ASN A 310 8.65 -5.54 11.72
N GLU A 311 7.65 -6.14 11.08
CA GLU A 311 6.27 -5.65 11.10
C GLU A 311 5.76 -5.19 12.47
N SER A 312 6.10 -5.92 13.53
CA SER A 312 5.64 -5.52 14.87
C SER A 312 6.64 -4.62 15.61
N GLY A 313 7.65 -4.17 14.89
CA GLY A 313 8.65 -3.27 15.46
C GLY A 313 9.71 -3.91 16.35
N LYS A 314 9.97 -5.19 16.12
CA LYS A 314 10.95 -5.91 16.92
C LYS A 314 12.34 -5.93 16.29
N VAL A 315 13.35 -6.12 17.13
CA VAL A 315 14.73 -6.20 16.68
C VAL A 315 14.87 -7.52 15.93
N THR A 316 15.68 -7.52 14.88
CA THR A 316 15.92 -8.72 14.10
C THR A 316 17.43 -8.85 13.94
N PRO A 317 17.91 -10.05 13.56
CA PRO A 317 19.36 -10.18 13.40
C PRO A 317 19.88 -9.10 12.46
N LYS A 318 19.08 -8.78 11.45
CA LYS A 318 19.44 -7.76 10.46
C LYS A 318 19.56 -6.38 11.12
N TYR A 319 18.65 -6.08 12.05
CA TYR A 319 18.68 -4.81 12.75
C TYR A 319 20.05 -4.68 13.42
N LEU A 320 20.40 -5.68 14.23
CA LEU A 320 21.67 -5.70 14.96
C LEU A 320 22.88 -5.50 14.06
N GLU A 321 22.90 -6.21 12.93
CA GLU A 321 24.01 -6.11 12.01
C GLU A 321 24.13 -4.70 11.41
N VAL A 322 23.00 -4.05 11.14
CA VAL A 322 23.05 -2.71 10.55
C VAL A 322 23.34 -1.71 11.67
N ARG A 323 22.75 -1.93 12.85
CA ARG A 323 22.98 -1.03 13.98
C ARG A 323 24.45 -0.98 14.37
N ASN A 324 25.10 -2.14 14.29
CA ASN A 324 26.50 -2.23 14.66
C ASN A 324 27.34 -1.60 13.57
N LEU A 325 26.92 -1.76 12.31
CA LEU A 325 27.66 -1.17 11.20
C LEU A 325 27.66 0.35 11.34
N LEU A 326 26.46 0.91 11.34
CA LEU A 326 26.28 2.35 11.47
C LEU A 326 26.97 2.90 12.70
N GLY A 327 26.99 2.12 13.78
CA GLY A 327 27.63 2.55 15.01
C GLY A 327 29.09 2.96 14.88
N ASN A 328 29.73 2.62 13.76
CA ASN A 328 31.13 2.97 13.56
C ASN A 328 31.32 4.32 12.91
N TYR A 329 30.45 4.67 11.98
CA TYR A 329 30.56 5.94 11.28
C TYR A 329 30.02 7.12 12.09
N LEU A 330 29.91 6.92 13.41
CA LEU A 330 29.45 7.97 14.31
C LEU A 330 30.56 8.98 14.55
N PRO A 331 30.20 10.23 14.87
CA PRO A 331 31.20 11.26 15.12
C PRO A 331 32.19 10.81 16.19
N GLU A 332 33.35 11.45 16.24
CA GLU A 332 34.36 11.11 17.23
C GLU A 332 33.79 11.21 18.64
N GLY A 333 33.94 10.14 19.41
CA GLY A 333 33.43 10.14 20.78
C GLY A 333 31.92 10.08 20.85
N GLU A 334 31.31 9.32 19.95
CA GLU A 334 29.86 9.19 19.91
C GLU A 334 29.38 7.78 20.23
N THR A 335 28.21 7.70 20.89
CA THR A 335 27.62 6.43 21.28
C THR A 335 26.20 6.30 20.72
N LEU A 336 25.88 5.16 20.14
CA LEU A 336 24.55 4.94 19.58
C LEU A 336 23.50 4.94 20.68
N PRO A 337 22.32 5.51 20.39
CA PRO A 337 21.25 5.55 21.40
C PRO A 337 20.85 4.13 21.75
N GLU A 338 20.16 3.97 22.87
CA GLU A 338 19.72 2.65 23.30
C GLU A 338 18.52 2.15 22.49
N ILE A 339 18.41 0.83 22.39
CA ILE A 339 17.30 0.23 21.67
C ILE A 339 16.10 0.20 22.59
N PRO A 340 14.97 0.77 22.15
CA PRO A 340 13.74 0.81 22.95
C PRO A 340 13.25 -0.62 23.21
N ASP A 341 12.47 -0.79 24.27
CA ASP A 341 11.95 -2.11 24.58
C ASP A 341 10.83 -2.42 23.61
N SER A 342 10.72 -3.70 23.24
CA SER A 342 9.68 -4.14 22.33
C SER A 342 8.34 -4.07 23.04
N ILE A 343 7.27 -4.10 22.25
CA ILE A 343 5.91 -4.09 22.79
C ILE A 343 5.60 -5.55 23.08
N PRO A 344 5.04 -5.86 24.25
CA PRO A 344 4.73 -7.26 24.55
C PRO A 344 3.68 -7.87 23.63
N THR A 345 3.78 -9.18 23.42
CA THR A 345 2.84 -9.90 22.58
C THR A 345 2.03 -10.85 23.44
N ILE A 346 0.75 -10.97 23.14
CA ILE A 346 -0.13 -11.88 23.86
C ILE A 346 -0.71 -12.89 22.89
N ALA A 347 -1.20 -13.99 23.46
CA ALA A 347 -1.83 -15.04 22.68
C ALA A 347 -3.27 -14.98 23.16
N ILE A 348 -4.20 -14.91 22.21
CA ILE A 348 -5.61 -14.84 22.57
C ILE A 348 -6.25 -16.20 22.27
N PRO A 349 -6.95 -16.78 23.26
CA PRO A 349 -7.61 -18.08 23.11
C PRO A 349 -8.74 -18.05 22.09
N THR A 350 -8.96 -19.19 21.44
CA THR A 350 -9.98 -19.34 20.41
C THR A 350 -11.21 -18.45 20.58
N ILE A 351 -11.50 -17.66 19.54
CA ILE A 351 -12.64 -16.76 19.52
C ILE A 351 -13.68 -17.31 18.55
N LYS A 352 -14.85 -17.66 19.08
CA LYS A 352 -15.92 -18.20 18.25
C LYS A 352 -16.85 -17.11 17.78
N MSE A 353 -17.07 -17.04 16.47
CA MSE A 353 -17.96 -16.04 15.90
C MSE A 353 -19.39 -16.43 16.25
O MSE A 353 -19.92 -17.41 15.74
CB MSE A 353 -17.79 -15.99 14.38
CG MSE A 353 -16.41 -15.55 13.94
SE MSE A 353 -15.89 -13.81 14.61
CE MSE A 353 -14.38 -14.34 15.66
N THR A 354 -20.01 -15.64 17.13
CA THR A 354 -21.39 -15.92 17.54
C THR A 354 -22.42 -15.46 16.53
N GLU A 355 -22.26 -14.24 16.02
CA GLU A 355 -23.20 -13.67 15.06
C GLU A 355 -22.76 -13.77 13.60
N MSE A 356 -23.73 -13.85 12.70
CA MSE A 356 -23.47 -13.94 11.27
C MSE A 356 -24.53 -13.21 10.47
O MSE A 356 -25.72 -13.31 10.77
CB MSE A 356 -23.43 -15.40 10.83
CG MSE A 356 -23.48 -15.57 9.32
SE MSE A 356 -23.17 -17.36 8.72
CE MSE A 356 -22.86 -18.25 10.41
N ALA A 357 -24.10 -12.48 9.44
CA ALA A 357 -25.02 -11.73 8.59
C ALA A 357 -24.68 -11.98 7.12
N VAL A 358 -25.58 -12.68 6.42
CA VAL A 358 -25.39 -13.01 5.01
C VAL A 358 -25.47 -11.75 4.16
N LEU A 359 -24.43 -11.55 3.34
CA LEU A 359 -24.36 -10.37 2.48
C LEU A 359 -25.55 -10.17 1.57
N PHE A 360 -25.97 -11.22 0.89
CA PHE A 360 -27.11 -11.11 -0.02
C PHE A 360 -28.40 -10.70 0.71
N ASP A 361 -28.49 -11.02 1.99
CA ASP A 361 -29.69 -10.66 2.75
C ASP A 361 -29.52 -9.31 3.43
N ASN A 362 -28.41 -8.65 3.16
CA ASN A 362 -28.14 -7.34 3.76
C ASN A 362 -27.63 -6.33 2.75
N LEU A 363 -28.18 -6.37 1.54
CA LEU A 363 -27.76 -5.46 0.50
C LEU A 363 -28.28 -4.03 0.65
N PRO A 364 -27.47 -3.05 0.18
CA PRO A 364 -27.88 -1.66 0.27
C PRO A 364 -28.86 -1.48 -0.88
N HIS A 365 -29.24 -0.23 -1.15
CA HIS A 365 -30.16 0.07 -2.22
C HIS A 365 -29.46 -0.09 -3.57
N PRO A 366 -30.15 -0.73 -4.52
CA PRO A 366 -29.55 -0.94 -5.85
C PRO A 366 -29.45 0.31 -6.70
N LYS A 367 -28.45 0.32 -7.56
CA LYS A 367 -28.25 1.40 -8.51
C LYS A 367 -28.62 0.67 -9.79
N GLU A 368 -29.54 1.23 -10.56
CA GLU A 368 -29.98 0.58 -11.79
C GLU A 368 -29.17 1.06 -12.99
N SER A 369 -28.70 0.11 -13.80
CA SER A 369 -27.92 0.47 -14.97
C SER A 369 -28.17 -0.47 -16.13
N GLU A 370 -28.49 0.12 -17.27
CA GLU A 370 -28.78 -0.63 -18.47
C GLU A 370 -27.56 -1.45 -18.90
N ASP A 371 -26.43 -0.78 -19.09
CA ASP A 371 -25.19 -1.42 -19.49
C ASP A 371 -24.23 -1.60 -18.32
N ILE A 372 -23.17 -2.35 -18.55
CA ILE A 372 -22.14 -2.58 -17.54
C ILE A 372 -21.31 -1.31 -17.38
N ARG A 373 -20.96 -0.97 -16.14
CA ARG A 373 -20.14 0.21 -15.85
C ARG A 373 -19.16 -0.18 -14.76
N THR A 374 -18.02 0.49 -14.69
CA THR A 374 -17.04 0.16 -13.67
C THR A 374 -17.50 0.64 -12.31
N MSE A 375 -16.84 0.13 -11.28
CA MSE A 375 -17.15 0.49 -9.90
C MSE A 375 -17.11 2.01 -9.72
O MSE A 375 -18.00 2.58 -9.08
CB MSE A 375 -16.12 -0.17 -8.97
CG MSE A 375 -16.27 0.18 -7.51
SE MSE A 375 -14.85 -0.60 -6.45
CE MSE A 375 -15.52 -2.41 -6.36
N GLU A 376 -16.09 2.65 -10.26
CA GLU A 376 -15.94 4.09 -10.11
C GLU A 376 -17.08 4.88 -10.72
N ALA A 377 -17.68 4.35 -11.79
CA ALA A 377 -18.81 5.01 -12.44
C ALA A 377 -20.02 5.05 -11.50
N PHE A 378 -19.97 4.22 -10.46
CA PHE A 378 -21.05 4.18 -9.48
C PHE A 378 -20.62 4.90 -8.20
N ASP A 379 -19.65 5.80 -8.35
CA ASP A 379 -19.13 6.59 -7.25
C ASP A 379 -18.55 5.79 -6.08
N GLN A 380 -17.95 4.64 -6.39
CA GLN A 380 -17.33 3.80 -5.37
C GLN A 380 -15.90 3.53 -5.79
N GLY A 381 -14.97 3.61 -4.83
CA GLY A 381 -13.59 3.35 -5.17
C GLY A 381 -13.05 2.10 -4.54
N TRP A 382 -13.60 1.71 -3.39
CA TRP A 382 -13.11 0.53 -2.68
C TRP A 382 -14.19 -0.41 -2.16
N GLY A 383 -13.82 -1.69 -2.09
CA GLY A 383 -14.75 -2.71 -1.61
C GLY A 383 -15.12 -3.70 -2.68
N SER A 384 -16.38 -4.16 -2.63
CA SER A 384 -16.89 -5.12 -3.60
C SER A 384 -18.11 -4.50 -4.28
N ILE A 385 -18.50 -5.07 -5.42
CA ILE A 385 -19.64 -4.58 -6.15
C ILE A 385 -20.39 -5.75 -6.77
N LEU A 386 -21.69 -5.79 -6.52
CA LEU A 386 -22.54 -6.85 -7.02
C LEU A 386 -23.35 -6.42 -8.22
N TYR A 387 -23.15 -7.13 -9.34
CA TYR A 387 -23.90 -6.87 -10.56
C TYR A 387 -24.94 -8.00 -10.60
N ARG A 388 -26.21 -7.63 -10.57
CA ARG A 388 -27.28 -8.62 -10.59
C ARG A 388 -28.26 -8.37 -11.73
N THR A 389 -28.79 -9.45 -12.30
CA THR A 389 -29.75 -9.35 -13.39
C THR A 389 -30.56 -10.64 -13.44
N SER A 390 -31.51 -10.70 -14.38
CA SER A 390 -32.32 -11.91 -14.54
C SER A 390 -32.03 -12.46 -15.93
N LEU A 391 -32.25 -13.75 -16.12
CA LEU A 391 -31.99 -14.38 -17.42
C LEU A 391 -33.23 -15.07 -17.97
N SER A 392 -33.27 -15.19 -19.29
CA SER A 392 -34.37 -15.85 -19.96
C SER A 392 -34.17 -17.35 -19.80
N ALA A 393 -35.23 -18.13 -19.96
CA ALA A 393 -35.17 -19.58 -19.83
C ALA A 393 -34.33 -20.16 -20.96
N SER A 394 -33.77 -21.35 -20.74
CA SER A 394 -32.95 -22.01 -21.73
C SER A 394 -32.99 -23.51 -21.53
N ASP A 395 -33.08 -24.26 -22.63
CA ASP A 395 -33.13 -25.72 -22.53
C ASP A 395 -31.74 -26.31 -22.41
N LYS A 396 -30.78 -25.70 -23.10
CA LYS A 396 -29.42 -26.20 -23.07
C LYS A 396 -28.44 -25.29 -22.35
N GLU A 397 -27.29 -25.85 -22.07
CA GLU A 397 -26.21 -25.15 -21.39
C GLU A 397 -25.77 -23.92 -22.19
N GLN A 398 -25.36 -22.88 -21.48
CA GLN A 398 -24.88 -21.64 -22.08
C GLN A 398 -23.59 -21.25 -21.37
N THR A 399 -22.85 -20.29 -21.93
CA THR A 399 -21.62 -19.86 -21.28
C THR A 399 -21.64 -18.35 -21.11
N LEU A 400 -21.12 -17.91 -19.99
CA LEU A 400 -21.07 -16.49 -19.69
C LEU A 400 -19.61 -16.03 -19.73
N LEU A 401 -19.36 -14.93 -20.44
CA LEU A 401 -18.02 -14.36 -20.52
C LEU A 401 -18.05 -12.96 -19.90
N ILE A 402 -17.37 -12.79 -18.77
CA ILE A 402 -17.33 -11.51 -18.09
C ILE A 402 -16.07 -10.82 -18.54
N THR A 403 -16.22 -9.75 -19.31
CA THR A 403 -15.00 -9.17 -19.78
C THR A 403 -14.37 -8.20 -18.87
N GLU A 404 -13.51 -8.85 -18.09
CA GLU A 404 -12.63 -8.37 -17.05
C GLU A 404 -13.27 -7.98 -15.72
N ALA A 405 -13.36 -9.03 -14.92
CA ALA A 405 -13.86 -8.96 -13.57
C ALA A 405 -12.62 -8.44 -12.90
N HIS A 406 -12.56 -7.14 -12.66
CA HIS A 406 -11.33 -6.69 -12.08
C HIS A 406 -11.14 -7.03 -10.64
N ASP A 407 -10.28 -8.03 -10.53
CA ASP A 407 -9.78 -8.65 -9.33
C ASP A 407 -10.36 -10.01 -8.95
N TRP A 408 -11.44 -10.08 -8.18
CA TRP A 408 -11.89 -11.40 -7.78
C TRP A 408 -13.40 -11.53 -7.73
N ALA A 409 -13.97 -12.35 -8.61
CA ALA A 409 -15.41 -12.50 -8.66
C ALA A 409 -15.98 -13.88 -8.35
N GLN A 410 -17.18 -13.87 -7.78
CA GLN A 410 -17.91 -15.08 -7.48
C GLN A 410 -19.21 -14.93 -8.25
N VAL A 411 -19.60 -15.97 -8.97
CA VAL A 411 -20.80 -15.91 -9.77
C VAL A 411 -21.81 -16.88 -9.21
N PHE A 412 -23.02 -16.39 -8.95
CA PHE A 412 -24.08 -17.22 -8.40
C PHE A 412 -25.34 -17.25 -9.29
N LEU A 413 -26.02 -18.39 -9.25
CA LEU A 413 -27.24 -18.60 -10.00
C LEU A 413 -28.29 -18.94 -8.95
N ASN A 414 -29.24 -18.04 -8.74
CA ASN A 414 -30.27 -18.22 -7.72
C ASN A 414 -29.64 -18.51 -6.37
N GLY A 415 -28.52 -17.84 -6.08
CA GLY A 415 -27.86 -18.02 -4.81
C GLY A 415 -26.81 -19.10 -4.71
N LYS A 416 -26.79 -20.02 -5.68
CA LYS A 416 -25.81 -21.11 -5.67
C LYS A 416 -24.54 -20.71 -6.43
N LYS A 417 -23.39 -20.78 -5.76
CA LYS A 417 -22.12 -20.42 -6.40
C LYS A 417 -21.83 -21.33 -7.58
N LEU A 418 -21.54 -20.73 -8.73
CA LEU A 418 -21.24 -21.46 -9.94
C LEU A 418 -19.75 -21.46 -10.23
N ALA A 419 -19.10 -20.33 -9.96
CA ALA A 419 -17.68 -20.21 -10.22
C ALA A 419 -17.00 -19.07 -9.49
N THR A 420 -15.67 -19.07 -9.55
CA THR A 420 -14.84 -18.05 -8.93
C THR A 420 -13.83 -17.65 -9.99
N LEU A 421 -13.78 -16.36 -10.33
CA LEU A 421 -12.87 -15.87 -11.34
C LEU A 421 -11.83 -14.96 -10.70
N SER A 422 -10.55 -15.27 -10.92
CA SER A 422 -9.48 -14.49 -10.34
C SER A 422 -8.67 -13.77 -11.40
N ARG A 423 -8.50 -12.47 -11.21
CA ARG A 423 -7.74 -11.65 -12.14
C ARG A 423 -6.28 -12.09 -12.14
N LEU A 424 -5.84 -12.73 -11.07
CA LEU A 424 -4.47 -13.19 -11.00
C LEU A 424 -4.20 -14.17 -12.15
N LYS A 425 -5.23 -14.89 -12.58
CA LYS A 425 -5.11 -15.85 -13.69
C LYS A 425 -5.82 -15.37 -14.96
N GLY A 426 -6.45 -14.20 -14.88
CA GLY A 426 -7.13 -13.68 -16.05
C GLY A 426 -8.31 -14.52 -16.51
N GLU A 427 -9.07 -15.05 -15.55
CA GLU A 427 -10.22 -15.88 -15.86
C GLU A 427 -11.47 -15.04 -16.14
N GLY A 428 -12.39 -15.59 -16.91
CA GLY A 428 -13.60 -14.84 -17.22
C GLY A 428 -14.82 -15.63 -17.71
N VAL A 429 -14.67 -16.91 -18.01
CA VAL A 429 -15.79 -17.69 -18.50
C VAL A 429 -16.48 -18.56 -17.44
N VAL A 430 -17.81 -18.62 -17.50
CA VAL A 430 -18.61 -19.40 -16.56
C VAL A 430 -19.66 -20.23 -17.32
N LYS A 431 -19.84 -21.48 -16.89
CA LYS A 431 -20.80 -22.40 -17.50
C LYS A 431 -22.16 -22.32 -16.82
N LEU A 432 -23.20 -22.01 -17.58
CA LEU A 432 -24.56 -21.92 -17.04
C LEU A 432 -25.37 -23.16 -17.43
N PRO A 433 -26.12 -23.72 -16.47
CA PRO A 433 -26.93 -24.91 -16.76
C PRO A 433 -28.25 -24.43 -17.35
N PRO A 434 -29.13 -25.35 -17.75
CA PRO A 434 -30.42 -24.93 -18.31
C PRO A 434 -31.09 -23.95 -17.34
N LEU A 435 -31.68 -22.90 -17.87
CA LEU A 435 -32.31 -21.88 -17.03
C LEU A 435 -33.83 -21.82 -17.10
N LYS A 436 -34.42 -21.35 -16.01
CA LYS A 436 -35.87 -21.16 -15.91
C LYS A 436 -36.02 -19.66 -16.11
N GLU A 437 -37.15 -19.24 -16.66
CA GLU A 437 -37.39 -17.82 -16.87
C GLU A 437 -37.21 -17.08 -15.54
N GLY A 438 -36.48 -15.97 -15.57
CA GLY A 438 -36.28 -15.19 -14.37
C GLY A 438 -35.14 -15.58 -13.44
N ASP A 439 -34.45 -16.68 -13.72
CA ASP A 439 -33.33 -17.10 -12.88
C ASP A 439 -32.44 -15.89 -12.55
N ARG A 440 -32.01 -15.80 -11.30
CA ARG A 440 -31.19 -14.67 -10.85
C ARG A 440 -29.69 -14.87 -11.02
N LEU A 441 -29.05 -13.95 -11.73
CA LEU A 441 -27.61 -14.01 -11.94
C LEU A 441 -26.90 -12.98 -11.07
N ASP A 442 -26.05 -13.45 -10.15
CA ASP A 442 -25.30 -12.55 -9.28
C ASP A 442 -23.79 -12.64 -9.55
N ILE A 443 -23.18 -11.50 -9.82
CA ILE A 443 -21.74 -11.44 -10.06
C ILE A 443 -21.15 -10.48 -9.04
N LEU A 444 -20.61 -11.04 -7.97
CA LEU A 444 -20.00 -10.25 -6.89
C LEU A 444 -18.51 -10.08 -7.17
N VAL A 445 -18.11 -8.84 -7.47
CA VAL A 445 -16.72 -8.54 -7.78
C VAL A 445 -15.99 -7.80 -6.67
N GLU A 446 -14.97 -8.43 -6.11
CA GLU A 446 -14.20 -7.78 -5.08
C GLU A 446 -13.02 -7.04 -5.70
N ALA A 447 -12.89 -5.77 -5.37
CA ALA A 447 -11.79 -4.97 -5.89
C ALA A 447 -10.64 -5.04 -4.89
N MSE A 448 -9.47 -5.46 -5.37
CA MSE A 448 -8.30 -5.50 -4.51
C MSE A 448 -7.56 -4.21 -4.82
O MSE A 448 -8.13 -3.33 -5.47
CB MSE A 448 -7.47 -6.74 -4.79
CG MSE A 448 -8.13 -8.02 -4.30
SE MSE A 448 -7.10 -9.65 -4.50
CE MSE A 448 -5.99 -9.47 -2.92
N GLY A 449 -6.33 -4.06 -4.35
CA GLY A 449 -5.62 -2.82 -4.60
C GLY A 449 -5.45 -2.46 -6.06
N ARG A 450 -5.44 -1.16 -6.36
CA ARG A 450 -5.24 -0.71 -7.73
C ARG A 450 -3.73 -0.70 -7.99
N MSE A 451 -3.33 -1.19 -9.16
CA MSE A 451 -1.93 -1.26 -9.53
C MSE A 451 -1.25 0.07 -9.26
O MSE A 451 -1.83 1.14 -9.47
CB MSE A 451 -1.79 -1.72 -10.98
CG MSE A 451 -2.30 -3.14 -11.16
SE MSE A 451 -2.11 -3.91 -12.94
CE MSE A 451 -3.44 -2.83 -13.85
N ASN A 452 0.00 0.00 -8.80
CA ASN A 452 0.75 1.20 -8.41
C ASN A 452 1.99 1.55 -9.21
N PHE A 453 2.24 0.85 -10.31
CA PHE A 453 3.43 1.14 -11.11
C PHE A 453 3.12 1.32 -12.59
N GLY A 454 3.86 2.20 -13.24
CA GLY A 454 3.66 2.45 -14.66
C GLY A 454 2.24 2.81 -15.03
N LYS A 455 1.79 2.31 -16.18
CA LYS A 455 0.44 2.60 -16.64
C LYS A 455 -0.58 1.81 -15.86
N GLY A 456 -0.12 1.04 -14.88
CA GLY A 456 -1.01 0.26 -14.05
C GLY A 456 -1.94 1.15 -13.23
N ILE A 457 -1.56 2.41 -13.03
CA ILE A 457 -2.38 3.34 -12.25
C ILE A 457 -3.74 3.52 -12.89
N TYR A 458 -3.85 3.23 -14.18
CA TYR A 458 -5.12 3.29 -14.88
C TYR A 458 -5.78 1.93 -14.61
N ASP A 459 -6.25 1.74 -13.39
CA ASP A 459 -6.84 0.47 -12.99
C ASP A 459 -8.29 0.61 -12.48
N TRP A 460 -9.25 0.41 -13.38
CA TRP A 460 -10.68 0.49 -13.06
C TRP A 460 -11.13 -0.85 -12.50
N LYS A 461 -11.93 -0.83 -11.43
CA LYS A 461 -12.40 -2.08 -10.82
C LYS A 461 -13.85 -2.41 -11.16
N GLY A 462 -14.27 -3.62 -10.77
CA GLY A 462 -15.63 -4.08 -11.04
C GLY A 462 -15.57 -4.81 -12.36
N ILE A 463 -16.62 -4.74 -13.17
CA ILE A 463 -16.57 -5.37 -14.48
C ILE A 463 -16.26 -4.19 -15.38
N THR A 464 -15.13 -4.25 -16.07
CA THR A 464 -14.67 -3.14 -16.89
C THR A 464 -15.32 -2.86 -18.23
N GLU A 465 -15.80 -3.90 -18.91
CA GLU A 465 -16.35 -3.67 -20.22
C GLU A 465 -17.74 -4.22 -20.53
N LYS A 466 -17.94 -5.51 -20.32
CA LYS A 466 -19.21 -6.12 -20.64
C LYS A 466 -19.33 -7.55 -20.13
N VAL A 467 -20.54 -8.08 -20.25
CA VAL A 467 -20.84 -9.46 -19.89
C VAL A 467 -21.59 -10.04 -21.09
N GLU A 468 -21.13 -11.19 -21.59
CA GLU A 468 -21.76 -11.81 -22.74
C GLU A 468 -22.27 -13.20 -22.45
N LEU A 469 -23.39 -13.53 -23.08
CA LEU A 469 -24.02 -14.82 -22.93
C LEU A 469 -23.97 -15.53 -24.29
N GLN A 470 -23.47 -16.76 -24.32
CA GLN A 470 -23.42 -17.50 -25.56
C GLN A 470 -24.32 -18.72 -25.49
N SER A 471 -25.12 -18.91 -26.52
CA SER A 471 -26.04 -20.04 -26.61
C SER A 471 -25.94 -20.63 -28.01
N ASP A 472 -26.83 -21.57 -28.30
CA ASP A 472 -26.86 -22.22 -29.60
C ASP A 472 -27.29 -21.21 -30.66
N LYS A 473 -27.76 -20.04 -30.23
CA LYS A 473 -28.21 -19.03 -31.17
C LYS A 473 -27.18 -17.93 -31.37
N GLY A 474 -26.04 -18.04 -30.70
CA GLY A 474 -25.01 -17.04 -30.85
C GLY A 474 -24.67 -16.34 -29.54
N VAL A 475 -23.98 -15.22 -29.65
CA VAL A 475 -23.58 -14.44 -28.49
C VAL A 475 -24.32 -13.10 -28.43
N GLU A 476 -24.74 -12.72 -27.24
CA GLU A 476 -25.43 -11.45 -27.04
C GLU A 476 -24.95 -10.81 -25.74
N LEU A 477 -25.08 -9.50 -25.64
CA LEU A 477 -24.67 -8.81 -24.44
C LEU A 477 -25.74 -8.96 -23.36
N VAL A 478 -25.32 -9.03 -22.11
CA VAL A 478 -26.24 -9.14 -21.00
C VAL A 478 -26.43 -7.74 -20.46
N LYS A 479 -27.67 -7.25 -20.48
CA LYS A 479 -27.97 -5.90 -20.01
C LYS A 479 -28.99 -5.89 -18.88
N ASP A 480 -29.31 -4.69 -18.41
CA ASP A 480 -30.28 -4.47 -17.35
C ASP A 480 -29.75 -5.00 -16.04
N TRP A 481 -29.00 -4.15 -15.35
CA TRP A 481 -28.38 -4.55 -14.09
C TRP A 481 -28.83 -3.80 -12.84
N GLN A 482 -28.82 -4.52 -11.74
CA GLN A 482 -29.12 -3.96 -10.41
C GLN A 482 -27.71 -3.98 -9.81
N VAL A 483 -27.14 -2.81 -9.57
CA VAL A 483 -25.78 -2.70 -9.03
C VAL A 483 -25.72 -2.29 -7.56
N TYR A 484 -25.10 -3.15 -6.75
CA TYR A 484 -24.96 -2.90 -5.32
C TYR A 484 -23.51 -2.65 -4.91
N THR A 485 -23.22 -1.42 -4.50
CA THR A 485 -21.86 -1.09 -4.07
C THR A 485 -21.67 -1.43 -2.58
N ILE A 486 -20.72 -2.32 -2.31
CA ILE A 486 -20.44 -2.73 -0.94
C ILE A 486 -19.14 -2.06 -0.48
N PRO A 487 -19.24 -0.93 0.24
CA PRO A 487 -18.10 -0.15 0.75
C PRO A 487 -17.31 -0.86 1.84
N VAL A 488 -16.09 -0.39 2.06
CA VAL A 488 -15.24 -1.00 3.09
C VAL A 488 -15.41 -0.38 4.48
N ASP A 489 -16.11 0.74 4.57
CA ASP A 489 -16.34 1.42 5.86
C ASP A 489 -16.69 0.49 7.01
N TYR A 490 -16.08 0.72 8.17
CA TYR A 490 -16.40 -0.11 9.33
C TYR A 490 -17.88 0.09 9.66
N SER A 491 -18.37 1.31 9.49
CA SER A 491 -19.77 1.61 9.77
C SER A 491 -20.71 0.70 9.00
N PHE A 492 -20.39 0.41 7.75
CA PHE A 492 -21.22 -0.46 6.93
C PHE A 492 -21.15 -1.90 7.44
N ALA A 493 -19.96 -2.35 7.83
CA ALA A 493 -19.79 -3.71 8.34
C ALA A 493 -20.48 -3.91 9.70
N ARG A 494 -20.58 -2.85 10.49
CA ARG A 494 -21.22 -2.95 11.79
C ARG A 494 -22.74 -2.97 11.64
N ASP A 495 -23.26 -2.12 10.75
CA ASP A 495 -24.69 -2.03 10.54
C ASP A 495 -25.24 -3.14 9.65
N LYS A 496 -25.35 -4.34 10.24
CA LYS A 496 -25.84 -5.50 9.53
C LYS A 496 -26.74 -6.30 10.47
N GLN A 497 -27.65 -7.09 9.91
CA GLN A 497 -28.56 -7.90 10.70
C GLN A 497 -27.96 -9.24 11.11
N TYR A 498 -27.08 -9.17 12.11
CA TYR A 498 -26.41 -10.35 12.63
C TYR A 498 -27.40 -11.31 13.30
N LYS A 499 -27.19 -12.61 13.11
CA LYS A 499 -28.06 -13.63 13.66
C LYS A 499 -27.27 -14.84 14.17
N GLN A 500 -27.99 -15.86 14.61
CA GLN A 500 -27.39 -17.08 15.13
C GLN A 500 -26.58 -16.81 16.39
N ASN A 506 -20.07 -21.20 2.50
CA ASN A 506 -21.25 -21.22 1.67
C ASN A 506 -21.31 -19.97 0.77
N GLN A 507 -21.61 -18.83 1.37
CA GLN A 507 -21.70 -17.57 0.64
C GLN A 507 -21.07 -16.43 1.43
N PRO A 508 -20.95 -15.23 0.80
CA PRO A 508 -20.35 -14.05 1.45
C PRO A 508 -21.11 -13.63 2.70
N ALA A 509 -20.40 -13.41 3.79
CA ALA A 509 -21.06 -13.01 5.02
C ALA A 509 -20.14 -12.30 6.02
N TYR A 510 -20.76 -11.48 6.86
CA TYR A 510 -20.05 -10.76 7.90
C TYR A 510 -20.17 -11.61 9.16
N TYR A 511 -19.06 -11.79 9.86
CA TYR A 511 -19.05 -12.56 11.09
C TYR A 511 -18.69 -11.62 12.23
N ARG A 512 -19.25 -11.85 13.40
CA ARG A 512 -18.98 -10.97 14.53
C ARG A 512 -18.94 -11.68 15.87
N SER A 513 -18.13 -11.15 16.77
CA SER A 513 -18.01 -11.72 18.09
C SER A 513 -17.25 -10.72 18.95
N THR A 514 -17.49 -10.76 20.25
CA THR A 514 -16.79 -9.88 21.18
C THR A 514 -16.00 -10.80 22.09
N PHE A 515 -14.88 -10.30 22.61
CA PHE A 515 -14.07 -11.12 23.49
C PHE A 515 -13.45 -10.23 24.55
N ASN A 516 -13.21 -10.80 25.72
CA ASN A 516 -12.64 -10.05 26.81
C ASN A 516 -11.14 -10.26 26.95
N LEU A 517 -10.45 -9.20 27.34
CA LEU A 517 -9.01 -9.22 27.54
C LEU A 517 -8.67 -8.63 28.90
N ASN A 518 -7.74 -9.27 29.61
CA ASN A 518 -7.33 -8.81 30.92
C ASN A 518 -5.91 -8.25 30.86
N GLU A 519 -5.23 -8.56 29.76
CA GLU A 519 -3.85 -8.13 29.56
C GLU A 519 -3.68 -7.75 28.08
N LEU A 520 -2.96 -6.66 27.82
CA LEU A 520 -2.76 -6.20 26.45
C LEU A 520 -1.39 -6.48 25.88
N GLY A 521 -1.32 -6.44 24.54
CA GLY A 521 -0.08 -6.67 23.82
C GLY A 521 -0.38 -6.96 22.37
N ASP A 522 0.64 -6.98 21.52
CA ASP A 522 0.42 -7.27 20.11
C ASP A 522 0.09 -8.74 19.93
N THR A 523 -0.75 -9.03 18.93
CA THR A 523 -1.13 -10.39 18.65
C THR A 523 -1.28 -10.56 17.14
N PHE A 524 -1.27 -11.80 16.67
CA PHE A 524 -1.41 -12.11 15.25
C PHE A 524 -2.61 -13.03 15.04
N LEU A 525 -3.69 -12.51 14.46
CA LEU A 525 -4.88 -13.32 14.22
C LEU A 525 -4.66 -14.41 13.20
N ASN A 526 -4.95 -15.64 13.60
CA ASN A 526 -4.79 -16.80 12.74
C ASN A 526 -6.02 -16.86 11.81
N MSE A 527 -5.81 -16.60 10.52
CA MSE A 527 -6.91 -16.63 9.54
C MSE A 527 -6.93 -17.92 8.75
O MSE A 527 -7.55 -18.02 7.69
CB MSE A 527 -6.79 -15.45 8.57
CG MSE A 527 -6.71 -14.09 9.23
SE MSE A 527 -8.08 -13.82 10.55
CE MSE A 527 -9.63 -13.72 9.40
N MSE A 528 -6.25 -18.95 9.28
CA MSE A 528 -6.14 -20.24 8.62
C MSE A 528 -7.47 -20.94 8.37
O MSE A 528 -7.57 -21.77 7.47
CB MSE A 528 -5.23 -21.15 9.45
CG MSE A 528 -4.56 -22.25 8.67
SE MSE A 528 -2.68 -21.87 8.33
CE MSE A 528 -2.69 -22.18 6.43
N ASN A 529 -8.51 -20.62 9.16
CA ASN A 529 -9.83 -21.24 8.99
C ASN A 529 -10.69 -20.49 7.99
N TRP A 530 -10.20 -19.37 7.50
CA TRP A 530 -10.98 -18.53 6.61
C TRP A 530 -10.60 -18.55 5.13
N SER A 531 -11.53 -18.11 4.29
CA SER A 531 -11.32 -18.10 2.85
C SER A 531 -10.66 -16.83 2.31
N LYS A 532 -11.41 -15.74 2.27
CA LYS A 532 -10.89 -14.48 1.76
C LYS A 532 -11.77 -13.33 2.23
N GLY A 533 -11.16 -12.18 2.50
CA GLY A 533 -11.92 -11.04 2.96
C GLY A 533 -11.10 -10.03 3.71
N MSE A 534 -11.74 -9.34 4.66
CA MSE A 534 -11.07 -8.33 5.47
C MSE A 534 -11.54 -8.37 6.92
O MSE A 534 -12.59 -8.94 7.22
CB MSE A 534 -11.30 -6.95 4.87
CG MSE A 534 -12.74 -6.65 4.53
SE MSE A 534 -12.84 -4.93 3.67
CE MSE A 534 -12.09 -5.42 1.95
N VAL A 535 -10.76 -7.75 7.81
CA VAL A 535 -11.05 -7.77 9.23
C VAL A 535 -11.02 -6.42 9.95
N TRP A 536 -11.90 -6.29 10.95
CA TRP A 536 -11.98 -5.07 11.77
C TRP A 536 -11.93 -5.47 13.23
N VAL A 537 -11.14 -4.75 14.02
CA VAL A 537 -11.01 -5.00 15.45
C VAL A 537 -11.22 -3.65 16.14
N ASN A 538 -12.27 -3.56 16.95
CA ASN A 538 -12.61 -2.33 17.63
C ASN A 538 -12.69 -1.16 16.65
N GLY A 539 -13.22 -1.43 15.47
CA GLY A 539 -13.37 -0.38 14.47
C GLY A 539 -12.15 -0.12 13.60
N HIS A 540 -11.03 -0.75 13.90
CA HIS A 540 -9.84 -0.56 13.09
C HIS A 540 -9.80 -1.59 11.97
N ALA A 541 -9.49 -1.12 10.76
CA ALA A 541 -9.39 -1.98 9.59
C ALA A 541 -8.01 -2.64 9.54
N ILE A 542 -7.95 -3.87 10.02
CA ILE A 542 -6.71 -4.64 10.08
C ILE A 542 -6.12 -5.03 8.73
N GLY A 543 -6.98 -5.17 7.71
CA GLY A 543 -6.47 -5.54 6.40
C GLY A 543 -7.13 -6.76 5.80
N ARG A 544 -6.65 -7.14 4.62
CA ARG A 544 -7.16 -8.29 3.87
C ARG A 544 -6.43 -9.57 4.24
N TYR A 545 -7.07 -10.70 3.96
CA TYR A 545 -6.48 -12.01 4.20
C TYR A 545 -6.97 -12.91 3.06
N TRP A 546 -6.24 -13.99 2.81
CA TRP A 546 -6.57 -14.91 1.73
C TRP A 546 -5.90 -16.25 2.02
N GLU A 547 -6.71 -17.30 2.08
CA GLU A 547 -6.27 -18.67 2.37
C GLU A 547 -5.06 -19.17 1.57
N ILE A 548 -4.84 -18.63 0.38
CA ILE A 548 -3.70 -19.07 -0.42
C ILE A 548 -2.34 -18.66 0.16
N GLY A 549 -2.33 -17.69 1.07
CA GLY A 549 -1.07 -17.26 1.64
C GLY A 549 -0.24 -16.44 0.67
N PRO A 550 1.08 -16.32 0.89
CA PRO A 550 1.91 -16.87 1.97
C PRO A 550 1.55 -16.39 3.38
N GLN A 551 0.85 -15.26 3.47
CA GLN A 551 0.46 -14.74 4.78
C GLN A 551 -0.80 -15.43 5.27
N GLN A 552 -0.79 -15.85 6.54
CA GLN A 552 -1.95 -16.53 7.13
C GLN A 552 -2.41 -15.84 8.43
N THR A 553 -1.61 -14.91 8.94
CA THR A 553 -1.99 -14.17 10.15
C THR A 553 -2.08 -12.69 9.84
N LEU A 554 -2.88 -11.97 10.64
CA LEU A 554 -3.02 -10.54 10.47
C LEU A 554 -2.55 -9.86 11.75
N TYR A 555 -1.58 -8.97 11.62
CA TYR A 555 -1.04 -8.24 12.76
C TYR A 555 -2.11 -7.36 13.39
N VAL A 556 -2.29 -7.50 14.69
CA VAL A 556 -3.26 -6.68 15.42
C VAL A 556 -2.48 -6.00 16.53
N PRO A 557 -2.29 -4.68 16.42
CA PRO A 557 -1.56 -3.91 17.43
C PRO A 557 -2.26 -3.83 18.78
N GLY A 558 -1.50 -4.09 19.85
CA GLY A 558 -2.08 -4.03 21.19
C GLY A 558 -2.73 -2.69 21.46
N CYS A 559 -2.21 -1.65 20.82
CA CYS A 559 -2.76 -0.30 21.02
C CYS A 559 -4.17 -0.17 20.46
N TRP A 560 -4.63 -1.17 19.73
CA TRP A 560 -5.98 -1.14 19.17
C TRP A 560 -6.86 -2.12 19.93
N LEU A 561 -6.29 -2.73 20.97
CA LEU A 561 -7.00 -3.66 21.82
C LEU A 561 -7.30 -2.91 23.11
N LYS A 562 -8.26 -3.40 23.88
CA LYS A 562 -8.60 -2.74 25.13
C LYS A 562 -8.92 -3.75 26.22
N LYS A 563 -8.66 -3.34 27.47
CA LYS A 563 -8.93 -4.18 28.62
C LYS A 563 -10.43 -4.39 28.64
N GLY A 564 -10.86 -5.62 28.81
CA GLY A 564 -12.29 -5.86 28.83
C GLY A 564 -12.85 -6.36 27.51
N GLU A 565 -13.94 -5.77 27.07
CA GLU A 565 -14.58 -6.19 25.83
C GLU A 565 -13.98 -5.61 24.56
N ASN A 566 -13.63 -6.52 23.65
CA ASN A 566 -13.06 -6.18 22.35
C ASN A 566 -14.01 -6.74 21.30
N GLU A 567 -14.14 -6.05 20.17
CA GLU A 567 -15.02 -6.51 19.11
C GLU A 567 -14.26 -6.88 17.84
N ILE A 568 -14.67 -7.96 17.20
CA ILE A 568 -14.04 -8.37 15.95
C ILE A 568 -15.11 -8.72 14.92
N ILE A 569 -14.95 -8.16 13.73
CA ILE A 569 -15.87 -8.42 12.61
C ILE A 569 -15.04 -8.90 11.44
N ILE A 570 -15.48 -10.00 10.83
CA ILE A 570 -14.78 -10.56 9.68
C ILE A 570 -15.69 -10.68 8.47
N LEU A 571 -15.26 -10.12 7.34
CA LEU A 571 -16.03 -10.25 6.11
C LEU A 571 -15.37 -11.38 5.35
N ASP A 572 -16.04 -12.52 5.30
CA ASP A 572 -15.49 -13.68 4.60
C ASP A 572 -16.33 -13.87 3.33
N MSE A 573 -15.65 -13.96 2.19
CA MSE A 573 -16.31 -14.09 0.89
C MSE A 573 -16.82 -15.47 0.45
O MSE A 573 -17.83 -15.54 -0.24
CB MSE A 573 -15.38 -13.54 -0.19
CG MSE A 573 -14.88 -12.15 0.12
SE MSE A 573 -16.29 -10.84 0.19
CE MSE A 573 -16.51 -10.60 -1.73
N ALA A 574 -16.14 -16.54 0.83
CA ALA A 574 -16.54 -17.87 0.40
C ALA A 574 -16.98 -18.82 1.51
N GLY A 575 -16.90 -18.37 2.76
CA GLY A 575 -17.29 -19.22 3.86
C GLY A 575 -16.10 -19.92 4.50
N PRO A 576 -15.92 -19.79 5.82
CA PRO A 576 -14.81 -20.42 6.53
C PRO A 576 -14.98 -21.92 6.75
N SER A 577 -13.86 -22.60 7.00
CA SER A 577 -13.90 -24.03 7.27
C SER A 577 -14.53 -24.17 8.66
N LYS A 578 -14.30 -23.16 9.48
CA LYS A 578 -14.83 -23.12 10.83
C LYS A 578 -14.87 -21.64 11.23
N ALA A 579 -16.00 -21.20 11.77
CA ALA A 579 -16.14 -19.80 12.15
C ALA A 579 -15.48 -19.41 13.48
N GLU A 580 -14.16 -19.48 13.52
CA GLU A 580 -13.42 -19.10 14.71
C GLU A 580 -11.97 -18.78 14.39
N THR A 581 -11.38 -17.89 15.18
CA THR A 581 -10.00 -17.46 14.99
C THR A 581 -9.30 -17.45 16.35
N GLU A 582 -7.99 -17.24 16.35
CA GLU A 582 -7.20 -17.21 17.57
C GLU A 582 -6.03 -16.23 17.45
N GLY A 583 -5.59 -15.69 18.58
CA GLY A 583 -4.49 -14.74 18.59
C GLY A 583 -3.18 -15.43 18.89
N LEU A 584 -2.24 -15.38 17.94
CA LEU A 584 -0.93 -16.00 18.11
C LEU A 584 0.08 -14.91 18.48
N ARG A 585 1.20 -15.32 19.06
CA ARG A 585 2.23 -14.38 19.47
C ARG A 585 3.30 -14.22 18.41
N GLN A 586 3.18 -15.00 17.35
CA GLN A 586 4.13 -14.99 16.26
C GLN A 586 3.35 -15.00 14.95
N PRO A 587 3.86 -14.32 13.92
CA PRO A 587 3.14 -14.29 12.65
C PRO A 587 3.43 -15.48 11.73
N ILE A 588 2.53 -15.71 10.77
CA ILE A 588 2.69 -16.76 9.79
C ILE A 588 2.74 -16.05 8.44
N LEU A 589 3.91 -16.07 7.80
CA LEU A 589 4.08 -15.38 6.53
C LEU A 589 4.64 -16.28 5.44
N ASP A 590 4.79 -17.57 5.73
CA ASP A 590 5.37 -18.49 4.75
C ASP A 590 4.57 -19.77 4.50
N VAL A 591 3.25 -19.69 4.62
CA VAL A 591 2.40 -20.85 4.41
C VAL A 591 1.43 -20.65 3.25
N GLN A 592 1.67 -21.39 2.17
CA GLN A 592 0.80 -21.32 0.99
C GLN A 592 -0.16 -22.51 0.93
N ARG A 593 -1.30 -22.29 0.27
CA ARG A 593 -2.31 -23.34 0.12
C ARG A 593 -3.03 -23.28 -1.22
N GLY A 594 -3.54 -24.44 -1.64
CA GLY A 594 -4.28 -24.51 -2.89
C GLY A 594 -3.45 -24.60 -4.14
N ASN A 595 -4.10 -24.72 -5.28
CA ASN A 595 -3.40 -24.81 -6.56
C ASN A 595 -2.82 -23.45 -6.94
N GLY A 596 -1.94 -23.44 -7.93
CA GLY A 596 -1.32 -22.20 -8.37
C GLY A 596 -2.30 -21.06 -8.56
N ALA A 597 -2.01 -19.92 -7.93
CA ALA A 597 -2.87 -18.75 -8.03
C ALA A 597 -2.56 -17.98 -9.32
N TYR A 598 -1.43 -18.32 -9.93
CA TYR A 598 -0.99 -17.65 -11.16
C TYR A 598 -0.81 -18.67 -12.28
N ALA A 599 -0.66 -18.19 -13.51
CA ALA A 599 -0.45 -19.08 -14.64
C ALA A 599 0.93 -19.72 -14.43
N HIS A 600 1.07 -20.98 -14.82
CA HIS A 600 2.33 -21.70 -14.64
C HIS A 600 3.60 -20.94 -15.00
N ARG A 601 3.58 -20.20 -16.10
CA ARG A 601 4.77 -19.45 -16.51
C ARG A 601 5.18 -18.35 -15.53
N LYS A 602 4.37 -18.15 -14.49
CA LYS A 602 4.66 -17.13 -13.51
C LYS A 602 4.74 -17.72 -12.11
N MSE A 603 4.59 -19.04 -12.03
CA MSE A 603 4.66 -19.74 -10.75
C MSE A 603 6.13 -19.94 -10.41
O MSE A 603 6.48 -20.34 -9.30
CB MSE A 603 3.95 -21.09 -10.83
CG MSE A 603 2.44 -21.01 -10.81
SE MSE A 603 1.81 -20.14 -9.20
CE MSE A 603 1.98 -21.65 -8.00
N GLY A 604 6.97 -19.68 -11.41
CA GLY A 604 8.41 -19.82 -11.22
C GLY A 604 8.83 -21.22 -10.81
N GLU A 605 8.40 -22.24 -11.54
CA GLU A 605 8.78 -23.61 -11.22
C GLU A 605 8.21 -24.59 -12.23
N GLY A 606 9.08 -25.43 -12.78
CA GLY A 606 8.65 -26.42 -13.75
C GLY A 606 9.58 -27.63 -13.81
N HIS A 607 9.07 -28.79 -13.41
CA HIS A 607 9.88 -30.01 -13.42
C HIS A 607 9.07 -31.21 -13.92
N HIS A 608 7.90 -31.42 -13.35
CA HIS A 608 7.03 -32.54 -13.74
C HIS A 608 5.57 -32.15 -13.47
N HIS A 609 5.11 -31.12 -14.16
CA HIS A 609 3.73 -30.63 -14.00
C HIS A 609 2.67 -31.66 -14.39
N HIS A 610 1.84 -31.28 -15.36
CA HIS A 610 0.77 -32.14 -15.84
C HIS A 610 -0.07 -32.66 -14.67
#